data_6XDF
#
_entry.id   6XDF
#
_cell.length_a   166.919
_cell.length_b   72.767
_cell.length_c   120.054
_cell.angle_alpha   90.000
_cell.angle_beta   129.730
_cell.angle_gamma   90.000
#
_symmetry.space_group_name_H-M   'C 1 2 1'
#
loop_
_entity.id
_entity.type
_entity.pdbx_description
1 polymer 'Serine/threonine-protein kinase/endoribonuclease IRE1'
2 non-polymer 'SODIUM ION'
3 non-polymer 4-amino-N-(6-chloro-2-fluoro-3-{[(pyrrolidin-1-yl)sulfonyl]amino}phenyl)quinazoline-8-carboxamide
4 water water
#
_entity_poly.entity_id   1
_entity_poly.type   'polypeptide(L)'
_entity_poly.pdbx_seq_one_letter_code
;GSSPSLEQDDGDEETSVVIVGKISFCPKDVLGHGAEGTIVYRGMFDNRDVAVKRILPECFSFADREVQLLRESDEHPNVI
RYFCTEKDRQFQYIAIELCAATLQEYVEQKDFAHLGLEPITLLQQTTSGLAHLHSLNIVHRDLKPHNILISMPNAHGKIK
AMISDFGLCKKLAVGRHSFSRRSGVPGTEGWIAPEMLSEDCKENPTYTVDIFSAGCVFYYVISEGSHPFGKSLQRQANIL
LGACSLDCLHPEKHEDVIARELIEKMIAMDPQKRPSAKHVLKHPFFWSLEKQLQFFQDVSDRIEKESLDGPIVKQLERGG
RAVVKMDWRENITVPLQTDLRKFRTYKGGSVRDLLRAMRNKKHHYRELPAEVRETLGSLPDDFVCYFTSRFPHLLAHTYR
AMELCSHERLFQPYYFHEPPEPQPPVTPDAL
;
_entity_poly.pdbx_strand_id   A,B
#
loop_
_chem_comp.id
_chem_comp.type
_chem_comp.name
_chem_comp.formula
N94 non-polymer 4-amino-N-(6-chloro-2-fluoro-3-{[(pyrrolidin-1-yl)sulfonyl]amino}phenyl)quinazoline-8-carboxamide 'C19 H18 Cl F N6 O3 S'
NA non-polymer 'SODIUM ION' 'Na 1'
#
# COMPACT_ATOMS: atom_id res chain seq x y z
N GLU A 14 32.51 2.68 34.47
CA GLU A 14 31.29 2.74 33.60
C GLU A 14 30.08 3.29 34.38
N THR A 15 29.09 3.78 33.64
CA THR A 15 27.84 4.23 34.24
C THR A 15 26.94 3.04 34.58
N SER A 16 25.92 3.30 35.39
CA SER A 16 24.98 2.29 35.85
C SER A 16 24.20 1.61 34.70
N VAL A 17 23.91 0.31 34.88
CA VAL A 17 23.03 -0.45 33.99
C VAL A 17 22.14 -1.37 34.84
N VAL A 18 20.85 -1.42 34.50
CA VAL A 18 19.86 -2.26 35.16
C VAL A 18 19.47 -3.38 34.20
N ILE A 19 19.42 -4.60 34.70
CA ILE A 19 19.10 -5.78 33.89
C ILE A 19 17.98 -6.53 34.60
N VAL A 20 16.86 -6.70 33.89
CA VAL A 20 15.71 -7.43 34.41
C VAL A 20 15.30 -8.46 33.34
N GLY A 21 16.01 -9.58 33.34
CA GLY A 21 15.81 -10.64 32.36
C GLY A 21 16.31 -10.19 31.01
N LYS A 22 15.40 -10.15 30.02
CA LYS A 22 15.75 -9.73 28.66
C LYS A 22 15.87 -8.21 28.50
N ILE A 23 15.17 -7.44 29.33
CA ILE A 23 15.21 -5.98 29.29
C ILE A 23 16.44 -5.47 30.03
N SER A 24 17.14 -4.50 29.42
CA SER A 24 18.25 -3.80 30.06
C SER A 24 18.30 -2.32 29.63
N PHE A 25 18.68 -1.43 30.56
CA PHE A 25 18.82 0.01 30.27
C PHE A 25 19.73 0.76 31.25
N CYS A 26 20.32 1.86 30.77
CA CYS A 26 21.06 2.80 31.60
C CYS A 26 20.09 3.87 32.10
N PRO A 27 19.94 4.04 33.44
CA PRO A 27 19.04 5.09 33.95
C PRO A 27 19.43 6.53 33.60
N LYS A 28 20.69 6.79 33.26
CA LYS A 28 21.12 8.10 32.76
C LYS A 28 20.51 8.43 31.39
N ASP A 29 20.26 7.41 30.56
CA ASP A 29 19.69 7.57 29.23
C ASP A 29 18.16 7.69 29.32
N VAL A 30 17.69 8.87 29.75
CA VAL A 30 16.26 9.16 29.89
C VAL A 30 15.77 9.80 28.58
N LEU A 31 14.67 9.27 28.04
CA LEU A 31 14.08 9.75 26.78
C LEU A 31 12.94 10.75 26.96
N GLY A 32 12.25 10.69 28.09
CA GLY A 32 11.13 11.58 28.37
C GLY A 32 10.24 10.95 29.41
N HIS A 33 8.93 11.17 29.26
CA HIS A 33 7.89 10.55 30.09
C HIS A 33 6.67 10.24 29.21
N GLY A 34 5.69 9.54 29.78
CA GLY A 34 4.42 9.21 29.10
C GLY A 34 3.21 9.23 30.02
N ALA A 35 2.65 10.41 30.24
CA ALA A 35 1.51 10.56 31.12
C ALA A 35 2.01 10.10 32.45
N GLU A 36 1.83 10.90 33.49
CA GLU A 36 2.34 10.56 34.80
C GLU A 36 3.84 10.81 34.56
N THR A 38 5.98 8.26 35.43
CA THR A 38 6.72 7.09 35.05
C THR A 38 7.69 7.63 34.04
N ILE A 39 8.97 7.36 34.21
CA ILE A 39 9.97 7.83 33.28
C ILE A 39 10.15 6.83 32.19
N VAL A 40 10.71 7.29 31.10
CA VAL A 40 11.00 6.41 29.94
C VAL A 40 12.50 6.48 29.66
N TYR A 41 13.16 5.33 29.61
CA TYR A 41 14.61 5.25 29.32
C TYR A 41 14.89 4.53 28.02
N ARG A 42 15.96 4.94 27.33
CA ARG A 42 16.51 4.19 26.21
C ARG A 42 17.16 2.94 26.77
N GLY A 43 16.99 1.82 26.06
CA GLY A 43 17.45 0.53 26.56
C GLY A 43 17.61 -0.51 25.46
N MET A 44 17.68 -1.77 25.87
CA MET A 44 17.97 -2.90 24.96
C MET A 44 17.07 -4.07 25.31
N PHE A 45 16.67 -4.82 24.29
CA PHE A 45 15.90 -6.05 24.48
C PHE A 45 16.18 -6.96 23.31
N ASP A 46 16.68 -8.15 23.57
CA ASP A 46 16.89 -9.17 22.53
C ASP A 46 17.74 -8.62 21.36
N ASN A 47 18.78 -7.85 21.72
CA ASN A 47 19.64 -7.09 20.77
C ASN A 47 18.92 -6.09 19.82
N ARG A 48 17.65 -5.77 20.14
CA ARG A 48 16.91 -4.70 19.50
C ARG A 48 17.07 -3.49 20.41
N ASP A 49 17.21 -2.31 19.80
CA ASP A 49 17.11 -1.05 20.52
C ASP A 49 15.62 -0.81 20.89
N VAL A 50 15.37 -0.49 22.15
CA VAL A 50 14.01 -0.29 22.66
C VAL A 50 13.92 0.86 23.67
N ALA A 51 12.74 1.43 23.78
CA ALA A 51 12.42 2.35 24.87
C ALA A 51 11.82 1.49 25.96
N VAL A 52 12.08 1.88 27.21
CA VAL A 52 11.69 1.06 28.37
C VAL A 52 11.01 1.96 29.39
N LYS A 53 9.80 1.59 29.79
CA LYS A 53 9.00 2.40 30.69
C LYS A 53 8.89 1.65 31.99
N ARG A 54 9.20 2.34 33.07
CA ARG A 54 9.12 1.75 34.40
C ARG A 54 7.83 2.19 35.07
N ILE A 55 7.11 1.22 35.60
CA ILE A 55 5.76 1.42 36.14
C ILE A 55 5.74 1.01 37.62
N LEU A 56 5.10 1.85 38.44
CA LEU A 56 4.98 1.62 39.89
C LEU A 56 3.87 0.59 40.18
N PRO A 57 3.89 -0.06 41.37
CA PRO A 57 2.88 -1.06 41.77
C PRO A 57 1.41 -0.62 41.62
N GLU A 58 1.13 0.62 41.99
CA GLU A 58 -0.19 1.23 41.83
C GLU A 58 -0.76 1.27 40.40
N CYS A 59 0.10 1.19 39.37
CA CYS A 59 -0.32 1.14 37.96
C CYS A 59 -0.20 -0.23 37.24
N PHE A 60 0.30 -1.25 37.94
CA PHE A 60 0.40 -2.64 37.43
C PHE A 60 -0.86 -3.14 36.72
N SER A 61 -2.01 -2.94 37.36
CA SER A 61 -3.31 -3.34 36.82
C SER A 61 -3.63 -2.62 35.49
N PHE A 62 -3.39 -1.31 35.46
CA PHE A 62 -3.62 -0.50 34.25
C PHE A 62 -2.65 -0.89 33.13
N ALA A 63 -1.38 -1.04 33.46
CA ALA A 63 -0.34 -1.41 32.49
C ALA A 63 -0.70 -2.70 31.75
N ASP A 64 -1.09 -3.72 32.49
CA ASP A 64 -1.47 -5.03 31.91
C ASP A 64 -2.66 -4.92 30.94
N ARG A 65 -3.60 -4.03 31.23
CA ARG A 65 -4.77 -3.80 30.36
C ARG A 65 -4.41 -3.06 29.07
N GLU A 66 -3.44 -2.15 29.14
CA GLU A 66 -2.89 -1.51 27.94
C GLU A 66 -2.17 -2.54 27.09
N VAL A 67 -1.32 -3.34 27.73
CA VAL A 67 -0.51 -4.37 27.04
C VAL A 67 -1.37 -5.39 26.30
N GLN A 68 -2.33 -5.99 27.00
CA GLN A 68 -3.24 -6.99 26.41
C GLN A 68 -3.96 -6.43 25.19
N LEU A 69 -4.38 -5.18 25.28
CA LEU A 69 -5.04 -4.49 24.18
C LEU A 69 -4.09 -4.28 23.00
N LEU A 70 -2.84 -3.95 23.30
CA LEU A 70 -1.81 -3.85 22.27
C LEU A 70 -1.53 -5.20 21.57
N ARG A 71 -1.42 -6.28 22.36
CA ARG A 71 -1.25 -7.64 21.82
C ARG A 71 -2.45 -8.11 21.01
N GLU A 72 -3.63 -8.03 21.64
CA GLU A 72 -4.89 -8.59 21.10
C GLU A 72 -5.54 -7.60 20.13
N SER A 73 -4.74 -7.13 19.18
CA SER A 73 -5.14 -6.10 18.25
C SER A 73 -4.06 -6.13 17.20
N ASP A 74 -4.46 -6.34 15.95
CA ASP A 74 -3.53 -6.71 14.88
C ASP A 74 -2.44 -5.65 14.75
N GLU A 75 -1.24 -6.12 14.40
CA GLU A 75 -0.13 -5.24 14.06
C GLU A 75 -0.55 -4.34 12.90
N HIS A 76 0.00 -3.12 12.90
CA HIS A 76 -0.19 -2.16 11.84
C HIS A 76 1.06 -1.29 11.86
N PRO A 77 1.58 -0.89 10.70
CA PRO A 77 2.85 -0.14 10.73
C PRO A 77 2.83 1.19 11.52
N ASN A 78 1.66 1.80 11.58
CA ASN A 78 1.44 3.07 12.26
C ASN A 78 0.78 2.97 13.62
N VAL A 79 0.83 1.77 14.20
CA VAL A 79 0.63 1.55 15.62
C VAL A 79 1.94 0.96 16.16
N ILE A 80 2.30 1.41 17.34
CA ILE A 80 3.61 1.14 17.93
C ILE A 80 3.81 -0.33 18.27
N ARG A 81 4.99 -0.84 17.94
CA ARG A 81 5.31 -2.24 18.17
C ARG A 81 5.65 -2.47 19.65
N TYR A 82 4.96 -3.42 20.28
CA TYR A 82 5.19 -3.79 21.67
C TYR A 82 6.00 -5.09 21.70
N PHE A 83 7.12 -5.07 22.43
CA PHE A 83 8.04 -6.20 22.44
C PHE A 83 7.87 -7.15 23.61
N CYS A 84 7.89 -6.62 24.82
CA CYS A 84 8.00 -7.43 26.02
C CYS A 84 7.71 -6.65 27.27
N THR A 85 7.29 -7.36 28.32
CA THR A 85 7.24 -6.82 29.67
C THR A 85 7.96 -7.77 30.62
N GLU A 86 8.68 -7.20 31.58
CA GLU A 86 9.38 -7.93 32.63
C GLU A 86 8.93 -7.31 33.93
N LYS A 87 8.52 -8.17 34.86
CA LYS A 87 8.12 -7.75 36.20
C LYS A 87 9.33 -7.89 37.12
N ASP A 88 9.23 -7.21 38.26
CA ASP A 88 10.34 -7.02 39.18
C ASP A 88 9.76 -6.84 40.58
N ARG A 89 10.56 -7.12 41.62
CA ARG A 89 10.09 -7.03 43.01
C ARG A 89 9.60 -5.64 43.41
N GLN A 90 10.23 -4.59 42.86
CA GLN A 90 9.78 -3.20 43.05
C GLN A 90 8.86 -2.72 41.91
N PHE A 91 9.31 -2.92 40.67
CA PHE A 91 8.70 -2.28 39.48
C PHE A 91 8.11 -3.27 38.45
N GLN A 92 7.50 -2.71 37.41
CA GLN A 92 7.17 -3.44 36.17
C GLN A 92 7.85 -2.68 35.03
N TYR A 93 8.23 -3.41 33.97
CA TYR A 93 8.99 -2.81 32.85
C TYR A 93 8.34 -3.10 31.51
N ILE A 94 7.93 -2.05 30.78
CA ILE A 94 7.38 -2.22 29.42
C ILE A 94 8.40 -1.75 28.38
N ALA A 95 8.74 -2.67 27.48
CA ALA A 95 9.66 -2.42 26.38
C ALA A 95 8.90 -2.25 25.07
N ILE A 96 9.16 -1.16 24.35
CA ILE A 96 8.57 -0.92 23.02
C ILE A 96 9.63 -0.43 22.02
N GLU A 97 9.24 -0.32 20.75
CA GLU A 97 10.05 0.34 19.70
C GLU A 97 10.72 1.63 20.17
N LEU A 98 12.04 1.74 20.02
CA LEU A 98 12.71 3.02 20.23
C LEU A 98 12.37 3.93 19.05
N CYS A 99 11.97 5.16 19.34
CA CYS A 99 11.56 6.13 18.33
C CYS A 99 12.46 7.36 18.43
N ALA A 100 12.54 8.13 17.36
CA ALA A 100 13.41 9.31 17.31
C ALA A 100 12.88 10.43 18.19
N ALA A 101 11.56 10.65 18.15
CA ALA A 101 10.94 11.77 18.85
C ALA A 101 9.41 11.66 18.92
N THR A 102 8.82 12.56 19.70
CA THR A 102 7.38 12.78 19.64
C THR A 102 7.12 13.77 18.51
N LEU A 103 5.90 13.75 17.99
CA LEU A 103 5.45 14.75 17.00
C LEU A 103 5.54 16.15 17.57
N GLN A 104 5.31 16.25 18.88
CA GLN A 104 5.48 17.51 19.61
C GLN A 104 6.89 18.06 19.45
N GLU A 105 7.90 17.23 19.71
CA GLU A 105 9.30 17.63 19.57
C GLU A 105 9.63 17.98 18.12
N TYR A 106 9.21 17.13 17.19
CA TYR A 106 9.33 17.38 15.75
C TYR A 106 8.86 18.80 15.45
N VAL A 107 7.63 19.12 15.82
CA VAL A 107 7.05 20.42 15.49
C VAL A 107 7.68 21.56 16.29
N GLU A 108 7.74 21.42 17.62
CA GLU A 108 8.29 22.47 18.50
C GLU A 108 9.70 22.89 18.12
N GLN A 109 10.53 21.91 17.81
CA GLN A 109 11.93 22.14 17.52
C GLN A 109 12.23 22.36 16.04
N LYS A 110 11.24 22.23 15.16
CA LYS A 110 11.45 22.33 13.69
C LYS A 110 12.53 21.38 13.15
N ASP A 111 12.65 20.19 13.72
CA ASP A 111 13.72 19.26 13.35
C ASP A 111 13.21 18.19 12.39
N GLY A 116 13.31 16.00 5.46
CA GLY A 116 13.16 14.68 4.84
C GLY A 116 11.75 14.11 4.89
N LEU A 117 11.09 14.21 6.06
CA LEU A 117 9.75 13.65 6.27
C LEU A 117 8.64 14.69 6.00
N GLU A 118 7.67 14.32 5.18
CA GLU A 118 6.62 15.24 4.72
C GLU A 118 5.51 15.35 5.75
N PRO A 119 5.08 16.59 6.07
CA PRO A 119 3.97 16.77 7.03
C PRO A 119 2.71 15.99 6.67
N ILE A 120 2.28 16.06 5.40
CA ILE A 120 1.06 15.37 4.94
C ILE A 120 1.13 13.85 5.12
N THR A 121 2.27 13.27 4.74
CA THR A 121 2.50 11.82 4.85
C THR A 121 2.46 11.38 6.31
N LEU A 122 2.95 12.23 7.19
CA LEU A 122 2.90 12.01 8.64
C LEU A 122 1.45 11.92 9.16
N LEU A 123 0.63 12.85 8.72
CA LEU A 123 -0.78 12.90 9.12
C LEU A 123 -1.55 11.74 8.53
N GLN A 124 -1.16 11.36 7.32
CA GLN A 124 -1.78 10.23 6.61
C GLN A 124 -1.54 8.94 7.37
N GLN A 125 -0.29 8.74 7.76
CA GLN A 125 0.11 7.58 8.53
C GLN A 125 -0.56 7.56 9.92
N THR A 126 -0.63 8.70 10.57
CA THR A 126 -1.33 8.80 11.84
C THR A 126 -2.80 8.40 11.66
N THR A 127 -3.43 8.96 10.63
CA THR A 127 -4.82 8.64 10.33
C THR A 127 -5.05 7.15 10.01
N SER A 128 -4.15 6.52 9.28
CA SER A 128 -4.28 5.07 9.00
C SER A 128 -4.18 4.22 10.26
N GLY A 129 -3.24 4.57 11.13
CA GLY A 129 -3.16 4.00 12.48
C GLY A 129 -4.48 4.14 13.25
N LEU A 130 -5.08 5.32 13.18
CA LEU A 130 -6.40 5.57 13.79
C LEU A 130 -7.52 4.75 13.15
N ALA A 131 -7.58 4.77 11.83
CA ALA A 131 -8.53 3.94 11.09
C ALA A 131 -8.41 2.47 11.50
N HIS A 132 -7.17 2.00 11.68
CA HIS A 132 -6.94 0.62 12.08
C HIS A 132 -7.53 0.32 13.45
N LEU A 133 -7.27 1.21 14.41
CA LEU A 133 -7.84 1.09 15.76
C LEU A 133 -9.37 1.10 15.73
N HIS A 134 -9.95 2.11 15.10
CA HIS A 134 -11.42 2.19 14.99
C HIS A 134 -12.06 0.89 14.45
N SER A 135 -11.44 0.30 13.43
CA SER A 135 -11.96 -0.95 12.83
C SER A 135 -11.91 -2.16 13.75
N LEU A 136 -11.05 -2.10 14.78
CA LEU A 136 -11.05 -3.06 15.89
C LEU A 136 -11.93 -2.63 17.07
N ASN A 137 -12.84 -1.69 16.83
CA ASN A 137 -13.68 -1.12 17.87
C ASN A 137 -12.93 -0.54 19.05
N ILE A 138 -11.75 0.02 18.79
CA ILE A 138 -10.95 0.70 19.82
C ILE A 138 -10.99 2.21 19.56
N VAL A 139 -11.34 2.97 20.59
CA VAL A 139 -11.34 4.43 20.54
C VAL A 139 -10.17 4.80 21.42
N HIS A 140 -9.34 5.74 20.96
CA HIS A 140 -8.07 6.07 21.61
C HIS A 140 -8.25 7.04 22.80
N ARG A 141 -8.99 8.11 22.58
CA ARG A 141 -9.44 9.10 23.63
C ARG A 141 -8.43 10.14 24.08
N ASP A 142 -7.17 9.99 23.68
CA ASP A 142 -6.06 10.81 24.12
C ASP A 142 -5.04 11.08 23.00
N LEU A 143 -5.52 11.32 21.79
CA LEU A 143 -4.67 11.58 20.63
C LEU A 143 -4.18 13.03 20.69
N LYS A 144 -2.86 13.21 20.72
CA LYS A 144 -2.25 14.54 20.77
C LYS A 144 -0.79 14.42 20.30
N PRO A 145 -0.12 15.56 20.01
CA PRO A 145 1.26 15.48 19.50
C PRO A 145 2.27 14.68 20.37
N HIS A 146 2.13 14.72 21.70
CA HIS A 146 3.01 13.93 22.58
C HIS A 146 2.89 12.40 22.37
N ASN A 147 1.69 11.93 22.03
CA ASN A 147 1.38 10.49 21.87
C ASN A 147 1.59 9.90 20.46
N ILE A 148 1.97 10.73 19.51
CA ILE A 148 2.27 10.25 18.18
C ILE A 148 3.78 10.25 18.11
N LEU A 149 4.36 9.07 17.92
CA LEU A 149 5.82 8.95 17.85
C LEU A 149 6.29 8.85 16.42
N ILE A 150 7.50 9.35 16.20
CA ILE A 150 8.15 9.35 14.91
C ILE A 150 9.32 8.39 14.98
N SER A 151 9.33 7.42 14.05
CA SER A 151 10.24 6.30 14.12
C SER A 151 11.69 6.70 13.90
N MET A 152 12.59 5.79 14.27
CA MET A 152 13.97 5.83 13.82
C MET A 152 13.95 5.50 12.33
N PRO A 153 14.87 6.06 11.55
CA PRO A 153 14.91 5.67 10.14
C PRO A 153 15.24 4.19 10.00
N ASN A 154 14.56 3.51 9.09
CA ASN A 154 14.90 2.12 8.78
C ASN A 154 16.15 2.03 7.89
N ALA A 155 16.47 0.82 7.41
CA ALA A 155 17.68 0.60 6.60
C ALA A 155 17.76 1.43 5.32
N HIS A 156 16.59 1.85 4.81
CA HIS A 156 16.51 2.71 3.62
C HIS A 156 16.29 4.20 3.92
N GLY A 157 16.49 4.61 5.17
CA GLY A 157 16.31 6.01 5.58
C GLY A 157 14.88 6.46 5.89
N LYS A 158 13.88 5.61 5.63
CA LYS A 158 12.46 5.98 5.76
C LYS A 158 11.97 6.03 7.21
N ILE A 159 11.26 7.11 7.51
CA ILE A 159 10.69 7.36 8.83
C ILE A 159 9.17 7.34 8.68
N LYS A 160 8.47 6.98 9.74
CA LYS A 160 7.01 6.98 9.76
C LYS A 160 6.47 7.42 11.13
N ALA A 161 5.19 7.77 11.13
CA ALA A 161 4.47 8.16 12.35
C ALA A 161 3.76 6.96 12.94
N MET A 162 3.56 6.98 14.25
CA MET A 162 3.03 5.81 14.95
C MET A 162 2.25 6.25 16.16
N ILE A 163 1.04 5.71 16.30
CA ILE A 163 0.23 5.95 17.49
C ILE A 163 0.77 5.16 18.69
N SER A 164 0.90 5.84 19.82
CA SER A 164 1.30 5.25 21.10
C SER A 164 0.35 5.66 22.23
N ASP A 165 0.66 5.23 23.45
CA ASP A 165 -0.06 5.60 24.67
C ASP A 165 -1.53 5.20 24.73
N PHE A 166 -1.77 3.92 24.98
CA PHE A 166 -3.11 3.34 25.02
C PHE A 166 -3.75 3.37 26.41
N GLY A 167 -3.37 4.35 27.22
CA GLY A 167 -3.79 4.42 28.61
C GLY A 167 -5.26 4.75 28.81
N LEU A 168 -5.83 5.57 27.93
CA LEU A 168 -7.27 5.88 27.95
C LEU A 168 -8.10 5.14 26.90
N CYS A 169 -7.52 4.14 26.25
CA CYS A 169 -8.23 3.34 25.27
C CYS A 169 -9.46 2.67 25.83
N LYS A 170 -10.39 2.40 24.93
CA LYS A 170 -11.57 1.63 25.22
C LYS A 170 -11.90 0.76 24.02
N LYS A 171 -11.91 -0.55 24.24
CA LYS A 171 -12.47 -1.51 23.31
C LYS A 171 -13.96 -1.52 23.59
N LEU A 172 -14.77 -1.14 22.61
CA LEU A 172 -16.22 -1.14 22.77
C LEU A 172 -16.71 -2.54 22.44
N ALA A 173 -17.63 -3.07 23.25
CA ALA A 173 -18.22 -4.39 23.00
C ALA A 173 -18.89 -4.47 21.62
N VAL A 174 -19.06 -5.70 21.13
CA VAL A 174 -19.71 -5.94 19.83
C VAL A 174 -21.17 -5.52 19.96
N GLY A 175 -21.66 -4.79 18.97
CA GLY A 175 -22.99 -4.17 19.02
C GLY A 175 -23.04 -2.73 19.52
N ARG A 176 -22.11 -2.35 20.39
CA ARG A 176 -22.00 -0.96 20.87
C ARG A 176 -21.21 -0.13 19.87
N HIS A 177 -21.66 1.11 19.69
CA HIS A 177 -20.97 2.12 18.87
C HIS A 177 -20.62 3.39 19.64
N SER A 178 -20.90 3.41 20.94
CA SER A 178 -20.65 4.57 21.80
C SER A 178 -20.22 4.11 23.20
N PHE A 179 -19.90 5.08 24.06
CA PHE A 179 -19.53 4.79 25.45
C PHE A 179 -19.88 5.97 26.34
N SER A 180 -19.77 5.78 27.65
CA SER A 180 -20.17 6.78 28.63
C SER A 180 -19.07 7.84 28.76
N ARG A 181 -19.49 9.10 28.85
CA ARG A 181 -18.59 10.26 29.12
C ARG A 181 -17.78 10.10 30.37
N ARG A 182 -18.35 9.42 31.37
CA ARG A 182 -17.82 9.40 32.72
C ARG A 182 -17.14 8.07 33.09
N SER A 183 -16.76 7.28 32.09
CA SER A 183 -16.15 5.95 32.32
C SER A 183 -14.69 6.01 32.78
N GLY A 184 -14.01 7.13 32.56
CA GLY A 184 -12.68 7.37 33.13
C GLY A 184 -12.30 8.84 33.09
N VAL A 185 -11.00 9.10 32.94
CA VAL A 185 -10.47 10.45 32.70
C VAL A 185 -10.90 10.86 31.27
N PRO A 186 -11.35 12.13 31.08
CA PRO A 186 -11.91 12.48 29.76
C PRO A 186 -10.89 12.62 28.63
N GLY A 187 -9.68 13.06 28.97
CA GLY A 187 -8.58 13.13 28.03
C GLY A 187 -7.50 14.07 28.55
N THR A 188 -6.84 14.76 27.63
CA THR A 188 -5.85 15.79 27.95
C THR A 188 -6.41 17.15 27.56
N GLU A 189 -6.57 18.01 28.56
CA GLU A 189 -7.14 19.35 28.39
C GLU A 189 -6.46 20.08 27.24
N GLY A 190 -7.27 20.58 26.32
CA GLY A 190 -6.79 21.22 25.11
C GLY A 190 -7.08 20.41 23.86
N TRP A 191 -7.18 19.09 24.02
CA TRP A 191 -7.41 18.17 22.89
C TRP A 191 -8.69 17.36 23.01
N ILE A 192 -9.58 17.75 23.94
CA ILE A 192 -10.74 16.92 24.31
C ILE A 192 -11.97 17.41 23.54
N ALA A 193 -12.63 16.49 22.85
CA ALA A 193 -13.83 16.85 22.09
C ALA A 193 -14.88 17.49 23.00
N PRO A 194 -15.65 18.46 22.48
CA PRO A 194 -16.63 19.20 23.29
C PRO A 194 -17.68 18.30 23.97
N GLU A 195 -18.11 17.24 23.29
CA GLU A 195 -19.10 16.32 23.85
C GLU A 195 -18.62 15.54 25.10
N MET A 196 -17.34 15.52 25.38
CA MET A 196 -16.83 14.90 26.61
C MET A 196 -17.08 15.76 27.85
N LEU A 197 -17.13 17.08 27.66
CA LEU A 197 -17.14 18.04 28.77
C LEU A 197 -18.29 19.07 28.81
N SER A 198 -19.13 19.12 27.79
CA SER A 198 -20.21 20.10 27.71
C SER A 198 -21.22 19.84 28.84
N GLU A 199 -21.99 20.86 29.20
CA GLU A 199 -22.99 20.72 30.26
C GLU A 199 -24.00 19.65 29.89
N ASP A 200 -24.57 19.76 28.70
CA ASP A 200 -25.57 18.81 28.22
C ASP A 200 -24.92 17.68 27.42
N CYS A 201 -25.21 16.45 27.82
CA CYS A 201 -24.85 15.25 27.06
C CYS A 201 -25.99 14.85 26.11
N LYS A 202 -26.11 15.57 25.00
CA LYS A 202 -27.10 15.27 23.94
C LYS A 202 -26.88 13.89 23.30
N GLU A 203 -25.62 13.52 23.11
CA GLU A 203 -25.27 12.19 22.61
C GLU A 203 -24.01 11.68 23.31
N ASN A 204 -23.95 10.37 23.49
CA ASN A 204 -22.77 9.73 24.04
C ASN A 204 -21.60 9.82 23.08
N PRO A 205 -20.36 9.92 23.62
CA PRO A 205 -19.22 9.96 22.72
C PRO A 205 -19.03 8.68 21.93
N THR A 206 -18.50 8.81 20.73
CA THR A 206 -18.21 7.68 19.87
C THR A 206 -16.76 7.82 19.30
N TYR A 207 -16.47 7.07 18.24
CA TYR A 207 -15.17 7.10 17.55
C TYR A 207 -14.73 8.50 17.11
N THR A 208 -15.72 9.35 16.83
CA THR A 208 -15.46 10.74 16.42
C THR A 208 -14.82 11.66 17.47
N VAL A 209 -14.66 11.23 18.72
CA VAL A 209 -13.81 11.97 19.66
C VAL A 209 -12.39 12.05 19.13
N ASP A 210 -11.88 10.93 18.59
CA ASP A 210 -10.51 10.90 18.04
C ASP A 210 -10.32 11.76 16.81
N ILE A 211 -11.39 11.91 16.01
CA ILE A 211 -11.37 12.74 14.80
C ILE A 211 -11.19 14.22 15.13
N PHE A 212 -11.91 14.69 16.14
CA PHE A 212 -11.73 16.04 16.67
C PHE A 212 -10.29 16.31 17.12
N SER A 213 -9.77 15.42 17.96
CA SER A 213 -8.36 15.50 18.38
C SER A 213 -7.43 15.51 17.15
N ALA A 214 -7.62 14.52 16.27
CA ALA A 214 -6.85 14.39 15.02
C ALA A 214 -6.88 15.67 14.22
N GLY A 215 -8.07 16.28 14.15
CA GLY A 215 -8.26 17.52 13.44
C GLY A 215 -7.39 18.63 13.99
N CYS A 216 -7.32 18.73 15.32
CA CYS A 216 -6.46 19.69 15.99
C CYS A 216 -5.00 19.40 15.73
N VAL A 217 -4.64 18.11 15.76
CA VAL A 217 -3.27 17.68 15.44
C VAL A 217 -2.87 18.09 14.03
N PHE A 218 -3.76 17.88 13.06
CA PHE A 218 -3.52 18.26 11.66
C PHE A 218 -3.08 19.73 11.59
N TYR A 219 -3.90 20.62 12.16
CA TYR A 219 -3.65 22.05 12.11
C TYR A 219 -2.33 22.39 12.77
N TYR A 220 -2.13 21.86 13.98
CA TYR A 220 -0.85 21.94 14.70
C TYR A 220 0.35 21.68 13.79
N VAL A 221 0.32 20.56 13.06
CA VAL A 221 1.40 20.22 12.14
C VAL A 221 1.47 21.19 10.95
N ILE A 222 0.35 21.41 10.26
CA ILE A 222 0.34 22.30 9.08
C ILE A 222 0.70 23.75 9.45
N SER A 223 0.18 24.26 10.56
CA SER A 223 0.48 25.64 11.02
C SER A 223 1.87 25.81 11.67
N GLU A 224 2.57 24.70 11.90
CA GLU A 224 3.88 24.64 12.54
C GLU A 224 3.85 25.12 13.99
N GLY A 225 2.85 24.63 14.74
CA GLY A 225 2.76 24.86 16.18
C GLY A 225 1.51 25.50 16.76
N SER A 226 0.59 25.97 15.91
CA SER A 226 -0.64 26.60 16.40
C SER A 226 -1.75 25.58 16.62
N HIS A 227 -2.77 25.98 17.37
CA HIS A 227 -3.91 25.14 17.70
C HIS A 227 -5.19 25.87 17.20
N PRO A 228 -6.18 25.15 16.63
CA PRO A 228 -7.40 25.85 16.17
C PRO A 228 -8.15 26.67 17.23
N PHE A 229 -8.21 26.16 18.45
CA PHE A 229 -8.83 26.82 19.60
C PHE A 229 -7.90 27.65 20.52
N GLY A 230 -6.72 27.99 20.04
CA GLY A 230 -5.91 29.06 20.61
C GLY A 230 -4.82 28.62 21.57
N LYS A 231 -4.34 29.57 22.37
CA LYS A 231 -3.23 29.35 23.30
C LYS A 231 -3.69 28.42 24.42
N SER A 232 -2.73 27.74 25.05
CA SER A 232 -3.00 26.69 26.06
C SER A 232 -3.98 27.09 27.16
N LEU A 233 -3.82 28.30 27.68
CA LEU A 233 -4.59 28.77 28.82
C LEU A 233 -6.12 28.72 28.62
N GLN A 234 -6.58 29.07 27.41
N GLN A 234 -6.56 29.08 27.40
CA GLN A 234 -8.01 29.12 27.09
CA GLN A 234 -7.99 29.15 27.06
C GLN A 234 -8.50 28.03 26.14
C GLN A 234 -8.51 28.00 26.19
N ARG A 235 -7.61 27.12 25.73
CA ARG A 235 -7.95 26.05 24.75
C ARG A 235 -9.25 25.30 24.97
N GLN A 236 -9.39 24.67 26.13
CA GLN A 236 -10.56 23.84 26.40
C GLN A 236 -11.83 24.64 26.54
N ALA A 237 -11.74 25.83 27.09
CA ALA A 237 -12.91 26.70 27.21
C ALA A 237 -13.41 27.12 25.83
N ASN A 238 -12.49 27.47 24.92
CA ASN A 238 -12.85 27.77 23.53
C ASN A 238 -13.44 26.60 22.76
N ILE A 239 -12.92 25.40 23.02
CA ILE A 239 -13.51 24.17 22.49
C ILE A 239 -15.00 24.05 22.85
N LEU A 240 -15.36 24.29 24.11
CA LEU A 240 -16.78 24.25 24.52
C LEU A 240 -17.64 25.32 23.85
N LEU A 241 -17.08 26.52 23.68
CA LEU A 241 -17.74 27.61 22.94
C LEU A 241 -17.79 27.45 21.42
N GLY A 242 -17.01 26.54 20.84
CA GLY A 242 -16.85 26.44 19.38
C GLY A 242 -16.05 27.58 18.75
N ALA A 243 -15.17 28.19 19.52
CA ALA A 243 -14.45 29.39 19.10
C ALA A 243 -13.08 29.01 18.52
N CYS A 244 -13.08 28.59 17.27
CA CYS A 244 -11.83 28.26 16.58
C CYS A 244 -11.46 29.33 15.56
N SER A 245 -10.18 29.36 15.22
CA SER A 245 -9.65 30.21 14.17
C SER A 245 -8.59 29.41 13.43
N LEU A 246 -8.76 29.27 12.12
CA LEU A 246 -7.80 28.57 11.28
C LEU A 246 -7.01 29.55 10.40
N ASP A 247 -6.60 30.68 10.99
CA ASP A 247 -5.95 31.79 10.27
C ASP A 247 -4.46 31.64 9.91
N CYS A 248 -3.85 30.51 10.27
CA CYS A 248 -2.54 30.15 9.71
C CYS A 248 -2.65 29.58 8.28
N LEU A 249 -3.88 29.30 7.84
CA LEU A 249 -4.16 28.82 6.49
C LEU A 249 -4.57 29.96 5.57
N HIS A 250 -3.73 30.19 4.56
CA HIS A 250 -3.92 31.24 3.54
C HIS A 250 -5.24 31.02 2.78
N PRO A 251 -6.10 32.05 2.66
CA PRO A 251 -7.44 31.86 2.09
C PRO A 251 -7.45 31.67 0.57
N GLU A 252 -6.47 32.24 -0.10
CA GLU A 252 -6.25 32.08 -1.53
C GLU A 252 -5.03 31.24 -1.90
N LYS A 253 -4.86 30.11 -1.21
CA LYS A 253 -3.79 29.12 -1.50
C LYS A 253 -4.36 27.72 -1.62
N HIS A 254 -4.19 27.10 -2.77
CA HIS A 254 -4.71 25.75 -3.03
C HIS A 254 -4.54 24.80 -1.84
N GLU A 255 -3.30 24.58 -1.43
CA GLU A 255 -2.98 23.58 -0.40
C GLU A 255 -3.65 23.88 0.95
N ASP A 256 -3.75 25.17 1.28
CA ASP A 256 -4.39 25.64 2.49
C ASP A 256 -5.91 25.67 2.39
N VAL A 257 -6.42 25.99 1.20
CA VAL A 257 -7.87 25.93 0.95
C VAL A 257 -8.35 24.50 1.20
N ILE A 258 -7.68 23.53 0.58
CA ILE A 258 -7.98 22.12 0.71
C ILE A 258 -7.91 21.65 2.16
N ALA A 259 -6.83 21.98 2.82
CA ALA A 259 -6.63 21.61 4.22
C ALA A 259 -7.67 22.25 5.19
N ARG A 260 -8.08 23.49 4.90
CA ARG A 260 -9.14 24.15 5.68
C ARG A 260 -10.46 23.41 5.57
N GLU A 261 -10.74 22.92 4.38
CA GLU A 261 -12.01 22.27 4.08
C GLU A 261 -12.15 21.02 4.94
N LEU A 262 -11.08 20.23 4.98
CA LEU A 262 -11.01 18.99 5.78
C LEU A 262 -11.03 19.25 7.28
N ILE A 263 -10.10 20.09 7.73
CA ILE A 263 -9.93 20.35 9.14
C ILE A 263 -11.21 20.88 9.78
N GLU A 264 -11.90 21.82 9.09
CA GLU A 264 -13.20 22.36 9.54
C GLU A 264 -14.22 21.26 9.89
N LYS A 265 -14.36 20.31 8.99
CA LYS A 265 -15.22 19.14 9.22
C LYS A 265 -14.73 18.26 10.38
N MET A 266 -13.43 18.03 10.45
CA MET A 266 -12.85 17.20 11.51
C MET A 266 -13.09 17.76 12.90
N ILE A 267 -12.99 19.08 13.05
CA ILE A 267 -13.19 19.73 14.36
C ILE A 267 -14.60 20.30 14.58
N ALA A 268 -15.59 19.78 13.88
CA ALA A 268 -16.95 20.30 14.00
C ALA A 268 -17.57 19.99 15.36
N MET A 269 -18.32 20.95 15.90
CA MET A 269 -18.97 20.80 17.21
C MET A 269 -19.97 19.66 17.24
N ASP A 270 -20.68 19.44 16.14
CA ASP A 270 -21.61 18.31 16.03
C ASP A 270 -20.81 17.05 15.60
N PRO A 271 -20.67 16.06 16.49
CA PRO A 271 -19.88 14.88 16.15
C PRO A 271 -20.35 14.08 14.95
N GLN A 272 -21.65 14.15 14.67
CA GLN A 272 -22.24 13.42 13.54
C GLN A 272 -21.82 13.99 12.19
N LYS A 273 -21.39 15.25 12.18
CA LYS A 273 -20.84 15.89 11.00
C LYS A 273 -19.33 15.67 10.78
N ARG A 274 -18.66 14.90 11.64
CA ARG A 274 -17.24 14.66 11.48
C ARG A 274 -17.00 13.40 10.64
N PRO A 275 -16.12 13.47 9.62
CA PRO A 275 -15.82 12.29 8.83
C PRO A 275 -15.12 11.19 9.63
N SER A 276 -15.40 9.93 9.29
CA SER A 276 -14.72 8.79 9.90
C SER A 276 -13.26 8.80 9.45
N ALA A 277 -12.42 8.01 10.11
CA ALA A 277 -10.99 7.99 9.80
C ALA A 277 -10.76 7.55 8.37
N LYS A 278 -11.49 6.52 7.93
CA LYS A 278 -11.44 6.12 6.52
C LYS A 278 -11.94 7.19 5.55
N HIS A 279 -12.96 7.95 5.94
CA HIS A 279 -13.47 9.09 5.13
C HIS A 279 -12.36 10.16 4.96
N VAL A 280 -11.66 10.48 6.04
CA VAL A 280 -10.56 11.47 6.05
C VAL A 280 -9.41 11.10 5.10
N LEU A 281 -9.04 9.82 5.09
CA LEU A 281 -8.02 9.33 4.15
C LEU A 281 -8.37 9.42 2.65
N LYS A 282 -9.65 9.54 2.32
CA LYS A 282 -10.10 9.74 0.94
C LYS A 282 -10.07 11.21 0.46
N HIS A 283 -9.86 12.15 1.41
CA HIS A 283 -9.93 13.60 1.12
C HIS A 283 -8.76 14.10 0.23
N PRO A 284 -9.04 15.11 -0.64
CA PRO A 284 -8.01 15.63 -1.55
C PRO A 284 -6.69 16.09 -0.93
N PHE A 285 -6.75 16.60 0.30
CA PHE A 285 -5.59 16.81 1.18
C PHE A 285 -4.49 15.77 0.98
N PHE A 286 -4.88 14.49 0.93
CA PHE A 286 -3.92 13.36 0.76
C PHE A 286 -3.66 12.90 -0.68
N TRP A 287 -4.25 13.55 -1.67
CA TRP A 287 -4.04 13.11 -3.06
C TRP A 287 -2.66 13.51 -3.57
N SER A 288 -2.02 12.61 -4.29
CA SER A 288 -0.86 12.98 -5.10
C SER A 288 -1.26 14.03 -6.12
N LEU A 289 -0.25 14.67 -6.69
CA LEU A 289 -0.45 15.66 -7.73
C LEU A 289 -1.05 15.00 -8.99
N GLU A 290 -0.58 13.80 -9.31
CA GLU A 290 -1.11 13.00 -10.42
C GLU A 290 -2.60 12.71 -10.24
N LYS A 291 -2.95 12.28 -9.03
CA LYS A 291 -4.35 11.97 -8.70
C LYS A 291 -5.26 13.19 -8.82
N GLN A 292 -4.76 14.36 -8.43
CA GLN A 292 -5.49 15.64 -8.61
C GLN A 292 -5.77 15.89 -10.08
N LEU A 293 -4.75 15.70 -10.91
CA LEU A 293 -4.88 15.94 -12.35
C LEU A 293 -5.88 14.98 -12.98
N GLN A 294 -5.81 13.73 -12.54
CA GLN A 294 -6.71 12.69 -13.01
C GLN A 294 -8.16 12.98 -12.61
N PHE A 295 -8.36 13.54 -11.42
CA PHE A 295 -9.69 13.99 -11.00
C PHE A 295 -10.21 15.08 -11.94
N PHE A 296 -9.38 16.05 -12.26
CA PHE A 296 -9.77 17.10 -13.21
C PHE A 296 -10.10 16.54 -14.60
N GLN A 297 -9.35 15.54 -15.04
CA GLN A 297 -9.63 14.90 -16.34
C GLN A 297 -10.98 14.19 -16.34
N ASP A 298 -11.18 13.31 -15.36
CA ASP A 298 -12.42 12.56 -15.23
C ASP A 298 -13.62 13.48 -15.17
N VAL A 299 -13.52 14.56 -14.38
CA VAL A 299 -14.60 15.55 -14.27
C VAL A 299 -14.91 16.17 -15.63
N SER A 300 -13.87 16.67 -16.30
CA SER A 300 -14.00 17.29 -17.61
C SER A 300 -14.71 16.34 -18.60
N ASP A 301 -14.17 15.14 -18.74
CA ASP A 301 -14.75 14.09 -19.60
C ASP A 301 -16.23 13.82 -19.27
N ARG A 302 -16.54 13.68 -17.98
CA ARG A 302 -17.90 13.43 -17.49
C ARG A 302 -18.90 14.55 -17.83
N ILE A 303 -18.43 15.79 -17.89
CA ILE A 303 -19.30 16.95 -18.19
C ILE A 303 -19.21 17.45 -19.66
N GLU A 304 -18.41 16.78 -20.49
CA GLU A 304 -18.18 17.20 -21.87
C GLU A 304 -19.47 17.34 -22.68
N LYS A 305 -20.40 16.41 -22.50
CA LYS A 305 -21.70 16.43 -23.18
C LYS A 305 -22.80 16.48 -22.15
N GLU A 306 -22.68 17.44 -21.24
CA GLU A 306 -23.68 17.68 -20.21
C GLU A 306 -24.43 18.98 -20.58
N SER A 307 -25.69 19.05 -20.22
CA SER A 307 -26.53 20.22 -20.55
C SER A 307 -26.14 21.38 -19.64
N LEU A 308 -25.88 22.54 -20.26
CA LEU A 308 -25.52 23.75 -19.52
C LEU A 308 -26.56 24.21 -18.49
N ASP A 309 -27.83 23.79 -18.64
CA ASP A 309 -28.90 24.08 -17.66
C ASP A 309 -29.29 22.90 -16.76
N GLY A 310 -28.60 21.77 -16.88
CA GLY A 310 -28.81 20.60 -16.00
C GLY A 310 -28.15 20.77 -14.64
N PRO A 311 -28.54 19.96 -13.65
CA PRO A 311 -28.08 20.16 -12.27
C PRO A 311 -26.56 20.14 -12.04
N ILE A 312 -25.82 19.34 -12.81
CA ILE A 312 -24.37 19.18 -12.60
C ILE A 312 -23.62 20.46 -12.90
N VAL A 313 -23.81 21.00 -14.11
CA VAL A 313 -23.14 22.24 -14.54
C VAL A 313 -23.68 23.48 -13.78
N LYS A 314 -24.98 23.50 -13.47
CA LYS A 314 -25.52 24.53 -12.59
C LYS A 314 -24.75 24.57 -11.27
N GLN A 315 -24.57 23.41 -10.67
CA GLN A 315 -23.83 23.26 -9.39
C GLN A 315 -22.33 23.59 -9.54
N LEU A 316 -21.73 23.17 -10.64
CA LEU A 316 -20.33 23.49 -10.93
C LEU A 316 -20.07 24.96 -11.26
N GLU A 317 -21.10 25.69 -11.69
CA GLU A 317 -20.94 27.11 -12.04
C GLU A 317 -21.50 28.06 -10.96
N ARG A 318 -22.35 27.54 -10.06
CA ARG A 318 -22.75 28.27 -8.85
C ARG A 318 -21.55 28.71 -7.99
N GLY A 319 -21.27 30.02 -7.98
CA GLY A 319 -20.07 30.58 -7.34
C GLY A 319 -18.83 30.52 -8.23
N GLY A 320 -19.02 30.21 -9.51
CA GLY A 320 -17.92 29.91 -10.41
C GLY A 320 -17.07 31.10 -10.81
N ARG A 321 -17.68 32.26 -10.95
CA ARG A 321 -16.94 33.51 -11.27
C ARG A 321 -15.74 33.78 -10.34
N ALA A 322 -15.94 33.60 -9.04
CA ALA A 322 -14.88 33.75 -8.02
C ALA A 322 -13.75 32.72 -8.14
N VAL A 323 -14.11 31.48 -8.48
CA VAL A 323 -13.13 30.39 -8.69
C VAL A 323 -12.28 30.66 -9.93
N VAL A 324 -12.95 31.11 -10.97
CA VAL A 324 -12.33 31.48 -12.24
C VAL A 324 -11.61 32.86 -12.20
N LYS A 325 -11.95 33.67 -11.20
CA LYS A 325 -11.53 35.08 -11.11
C LYS A 325 -12.06 35.88 -12.32
N MET A 326 -13.38 35.77 -12.54
CA MET A 326 -14.11 36.51 -13.57
C MET A 326 -13.78 36.09 -15.01
N ASP A 327 -12.52 36.28 -15.40
CA ASP A 327 -11.99 35.81 -16.69
C ASP A 327 -10.69 35.04 -16.46
N TRP A 328 -10.77 33.72 -16.58
CA TRP A 328 -9.58 32.88 -16.34
C TRP A 328 -8.46 33.08 -17.38
N ARG A 329 -8.82 33.49 -18.61
CA ARG A 329 -7.81 33.76 -19.67
C ARG A 329 -6.88 34.93 -19.35
N GLU A 330 -7.28 35.80 -18.43
CA GLU A 330 -6.41 36.88 -17.93
C GLU A 330 -5.44 36.44 -16.82
N ASN A 331 -5.64 35.24 -16.24
CA ASN A 331 -4.83 34.74 -15.10
C ASN A 331 -3.82 33.64 -15.41
N ILE A 332 -3.54 33.44 -16.69
CA ILE A 332 -2.61 32.40 -17.15
C ILE A 332 -1.42 33.10 -17.81
N THR A 333 -0.31 32.40 -18.01
CA THR A 333 0.85 32.97 -18.70
C THR A 333 0.54 33.24 -20.17
N VAL A 334 1.38 34.07 -20.79
CA VAL A 334 1.10 34.59 -22.14
C VAL A 334 1.17 33.51 -23.23
N PRO A 335 2.18 32.61 -23.19
CA PRO A 335 2.21 31.52 -24.16
C PRO A 335 0.91 30.70 -24.24
N LEU A 336 0.28 30.43 -23.09
CA LEU A 336 -0.99 29.71 -23.06
C LEU A 336 -2.14 30.57 -23.59
N GLN A 337 -2.19 31.85 -23.19
CA GLN A 337 -3.14 32.82 -23.76
C GLN A 337 -3.11 32.75 -25.28
N THR A 338 -1.90 32.87 -25.84
CA THR A 338 -1.63 32.74 -27.30
C THR A 338 -2.14 31.40 -27.84
N ASP A 339 -1.74 30.31 -27.19
CA ASP A 339 -2.12 28.95 -27.60
C ASP A 339 -3.64 28.69 -27.54
N LEU A 340 -4.34 29.35 -26.62
CA LEU A 340 -5.80 29.21 -26.48
C LEU A 340 -6.63 30.06 -27.46
N ARG A 341 -5.96 30.86 -28.30
CA ARG A 341 -6.60 31.48 -29.47
C ARG A 341 -6.75 30.53 -30.68
N LYS A 342 -7.59 29.51 -30.51
CA LYS A 342 -7.85 28.49 -31.54
C LYS A 342 -9.35 28.16 -31.62
N PHE A 343 -9.94 27.81 -30.48
CA PHE A 343 -11.39 27.78 -30.30
C PHE A 343 -11.75 28.88 -29.30
N ARG A 344 -12.48 29.88 -29.78
CA ARG A 344 -13.04 30.93 -28.91
C ARG A 344 -14.33 30.50 -28.18
N THR A 345 -14.73 29.23 -28.34
CA THR A 345 -15.81 28.62 -27.55
C THR A 345 -15.48 28.42 -26.06
N TYR A 346 -14.20 28.53 -25.67
CA TYR A 346 -13.82 28.52 -24.25
C TYR A 346 -14.18 29.86 -23.59
N LYS A 347 -15.32 29.85 -22.90
CA LYS A 347 -15.81 30.99 -22.15
C LYS A 347 -14.91 31.23 -20.93
N GLY A 348 -14.27 32.39 -20.89
CA GLY A 348 -13.36 32.75 -19.80
C GLY A 348 -13.93 32.88 -18.39
N GLY A 349 -15.26 32.90 -18.27
CA GLY A 349 -15.94 32.93 -16.97
C GLY A 349 -16.64 31.63 -16.62
N SER A 350 -16.20 30.53 -17.25
CA SER A 350 -16.76 29.20 -17.04
C SER A 350 -15.75 28.30 -16.31
N VAL A 351 -16.24 27.61 -15.28
CA VAL A 351 -15.49 26.55 -14.60
C VAL A 351 -15.35 25.35 -15.54
N ARG A 352 -16.49 24.91 -16.08
CA ARG A 352 -16.54 23.85 -17.10
C ARG A 352 -15.49 24.03 -18.18
N ASP A 353 -15.49 25.20 -18.80
CA ASP A 353 -14.57 25.45 -19.93
C ASP A 353 -13.11 25.52 -19.49
N LEU A 354 -12.85 25.98 -18.25
CA LEU A 354 -11.47 26.02 -17.70
C LEU A 354 -10.94 24.60 -17.58
N LEU A 355 -11.76 23.74 -16.98
CA LEU A 355 -11.46 22.31 -16.89
C LEU A 355 -11.29 21.72 -18.28
N ARG A 356 -12.29 21.95 -19.14
CA ARG A 356 -12.25 21.53 -20.55
C ARG A 356 -10.92 21.90 -21.23
N ALA A 357 -10.43 23.11 -20.95
CA ALA A 357 -9.13 23.57 -21.50
C ALA A 357 -7.92 22.85 -20.90
N MET A 358 -7.96 22.58 -19.59
CA MET A 358 -6.92 21.77 -18.91
C MET A 358 -6.78 20.37 -19.54
N ARG A 359 -7.93 19.71 -19.70
CA ARG A 359 -8.04 18.36 -20.30
C ARG A 359 -7.43 18.36 -21.71
N ASN A 360 -7.88 19.31 -22.53
CA ASN A 360 -7.40 19.51 -23.89
C ASN A 360 -5.86 19.59 -23.98
N LYS A 361 -5.27 20.39 -23.12
CA LYS A 361 -3.81 20.64 -23.14
C LYS A 361 -3.00 19.56 -22.39
N LYS A 362 -3.68 18.72 -21.63
CA LYS A 362 -3.08 17.51 -21.06
C LYS A 362 -3.05 16.41 -22.13
N HIS A 363 -4.19 16.23 -22.80
CA HIS A 363 -4.35 15.22 -23.85
C HIS A 363 -3.44 15.50 -25.03
N HIS A 364 -3.55 16.70 -25.60
CA HIS A 364 -2.75 17.12 -26.76
C HIS A 364 -1.38 17.69 -26.39
N TYR A 365 -0.89 17.39 -25.19
CA TYR A 365 0.37 17.96 -24.66
C TYR A 365 1.57 17.77 -25.57
N ARG A 366 1.74 16.55 -26.08
CA ARG A 366 2.84 16.20 -26.98
C ARG A 366 2.84 17.03 -28.27
N GLU A 367 1.65 17.33 -28.76
CA GLU A 367 1.44 18.13 -29.98
C GLU A 367 1.63 19.65 -29.81
N LEU A 368 1.64 20.14 -28.56
CA LEU A 368 1.72 21.58 -28.28
C LEU A 368 3.10 22.19 -28.58
N PRO A 369 3.15 23.50 -28.93
CA PRO A 369 4.41 24.25 -29.12
C PRO A 369 5.38 24.17 -27.95
N ALA A 370 6.67 24.23 -28.26
CA ALA A 370 7.74 24.05 -27.28
C ALA A 370 7.73 25.10 -26.15
N GLU A 371 7.39 26.33 -26.50
CA GLU A 371 7.25 27.41 -25.52
C GLU A 371 6.03 27.24 -24.60
N VAL A 372 4.95 26.66 -25.13
CA VAL A 372 3.74 26.36 -24.33
C VAL A 372 4.01 25.25 -23.32
N ARG A 373 4.68 24.18 -23.76
CA ARG A 373 5.08 23.10 -22.87
C ARG A 373 6.05 23.59 -21.79
N GLU A 374 6.85 24.61 -22.12
CA GLU A 374 7.79 25.21 -21.18
C GLU A 374 7.10 25.91 -20.00
N THR A 375 5.99 26.63 -20.24
CA THR A 375 5.28 27.36 -19.17
C THR A 375 4.52 26.41 -18.26
N LEU A 376 3.71 25.54 -18.87
CA LEU A 376 2.92 24.54 -18.17
C LEU A 376 3.79 23.66 -17.28
N GLY A 377 4.94 23.26 -17.81
CA GLY A 377 5.82 22.28 -17.15
C GLY A 377 5.40 20.87 -17.51
N SER A 378 6.20 19.90 -17.07
CA SER A 378 5.97 18.49 -17.38
C SER A 378 4.71 17.89 -16.73
N LEU A 379 4.01 17.04 -17.49
CA LEU A 379 2.93 16.20 -16.99
C LEU A 379 3.47 15.07 -16.13
N PRO A 380 2.85 14.79 -14.96
CA PRO A 380 1.66 15.41 -14.38
C PRO A 380 1.88 16.52 -13.36
N ASP A 381 3.02 16.51 -12.64
CA ASP A 381 3.20 17.37 -11.44
C ASP A 381 3.18 18.89 -11.71
N ASP A 382 4.13 19.35 -12.53
CA ASP A 382 4.25 20.80 -12.85
C ASP A 382 3.05 21.35 -13.63
N PHE A 383 2.48 20.53 -14.51
CA PHE A 383 1.25 20.89 -15.24
C PHE A 383 0.06 21.21 -14.31
N VAL A 384 -0.20 20.35 -13.32
CA VAL A 384 -1.38 20.53 -12.44
C VAL A 384 -1.15 21.74 -11.52
N CYS A 385 0.07 21.84 -10.98
CA CYS A 385 0.49 22.97 -10.14
C CYS A 385 0.38 24.32 -10.85
N TYR A 386 0.63 24.34 -12.15
CA TYR A 386 0.40 25.54 -12.96
C TYR A 386 -1.02 26.07 -12.73
N PHE A 387 -2.00 25.18 -12.75
CA PHE A 387 -3.42 25.57 -12.64
C PHE A 387 -3.92 25.72 -11.20
N THR A 388 -3.48 24.85 -10.30
CA THR A 388 -3.89 24.96 -8.90
C THR A 388 -3.26 26.18 -8.22
N SER A 389 -1.99 26.48 -8.54
CA SER A 389 -1.33 27.72 -8.06
C SER A 389 -2.06 28.98 -8.51
N ARG A 390 -2.58 28.97 -9.73
CA ARG A 390 -3.27 30.13 -10.29
C ARG A 390 -4.77 30.17 -9.93
N PHE A 391 -5.38 29.01 -9.70
CA PHE A 391 -6.81 28.93 -9.33
C PHE A 391 -6.99 28.17 -8.01
N PRO A 392 -6.71 28.82 -6.86
CA PRO A 392 -6.63 28.10 -5.57
C PRO A 392 -7.94 27.45 -5.05
N HIS A 393 -9.09 27.90 -5.51
CA HIS A 393 -10.37 27.25 -5.18
C HIS A 393 -10.87 26.21 -6.17
N LEU A 394 -10.19 26.05 -7.31
CA LEU A 394 -10.69 25.16 -8.37
C LEU A 394 -10.96 23.71 -7.94
N LEU A 395 -10.02 23.10 -7.24
CA LEU A 395 -10.19 21.70 -6.79
C LEU A 395 -11.20 21.60 -5.66
N ALA A 396 -11.10 22.48 -4.67
CA ALA A 396 -12.04 22.43 -3.55
C ALA A 396 -13.49 22.62 -4.02
N HIS A 397 -13.69 23.59 -4.92
CA HIS A 397 -15.00 23.84 -5.56
C HIS A 397 -15.52 22.66 -6.40
N THR A 398 -14.65 22.12 -7.24
CA THR A 398 -15.01 20.99 -8.10
C THR A 398 -15.24 19.69 -7.31
N TYR A 399 -14.45 19.45 -6.28
CA TYR A 399 -14.67 18.29 -5.39
C TYR A 399 -16.05 18.34 -4.71
N ARG A 400 -16.48 19.54 -4.31
CA ARG A 400 -17.77 19.69 -3.62
C ARG A 400 -18.93 19.49 -4.57
N ALA A 401 -18.93 20.25 -5.66
CA ALA A 401 -20.00 20.23 -6.66
C ALA A 401 -20.25 18.85 -7.22
N MET A 402 -19.17 18.10 -7.46
CA MET A 402 -19.24 16.78 -8.07
C MET A 402 -19.50 15.64 -7.08
N GLU A 403 -19.96 15.95 -5.86
CA GLU A 403 -20.61 14.94 -5.01
C GLU A 403 -21.90 14.37 -5.65
N LEU A 404 -22.56 15.18 -6.48
CA LEU A 404 -23.66 14.74 -7.36
C LEU A 404 -23.38 13.47 -8.15
N CYS A 405 -22.13 13.29 -8.58
CA CYS A 405 -21.71 12.08 -9.28
C CYS A 405 -20.90 11.10 -8.42
N SER A 406 -20.94 11.23 -7.09
CA SER A 406 -20.05 10.42 -6.22
C SER A 406 -20.38 8.92 -6.28
N HIS A 407 -21.66 8.63 -6.46
CA HIS A 407 -22.18 7.26 -6.59
C HIS A 407 -21.71 6.49 -7.84
N GLU A 408 -21.28 7.22 -8.87
CA GLU A 408 -20.86 6.64 -10.15
C GLU A 408 -19.51 5.92 -10.02
N ARG A 409 -19.34 4.85 -10.79
CA ARG A 409 -18.17 3.97 -10.69
C ARG A 409 -16.86 4.71 -10.84
N LEU A 410 -16.79 5.56 -11.87
CA LEU A 410 -15.63 6.40 -12.18
C LEU A 410 -15.14 7.26 -11.00
N PHE A 411 -16.08 7.77 -10.21
CA PHE A 411 -15.75 8.69 -9.12
C PHE A 411 -15.64 8.05 -7.74
N GLN A 412 -15.79 6.73 -7.66
CA GLN A 412 -15.69 6.02 -6.39
C GLN A 412 -14.31 6.10 -5.69
N PRO A 413 -13.20 6.13 -6.46
CA PRO A 413 -11.89 6.34 -5.83
C PRO A 413 -11.67 7.71 -5.12
N TYR A 414 -12.44 8.72 -5.52
CA TYR A 414 -12.28 10.10 -5.02
C TYR A 414 -13.15 10.44 -3.81
N TYR A 415 -14.23 9.68 -3.64
CA TYR A 415 -15.20 9.89 -2.58
C TYR A 415 -15.29 8.66 -1.70
N PHE A 416 -15.88 8.84 -0.53
CA PHE A 416 -15.99 7.79 0.47
C PHE A 416 -17.44 7.36 0.60
N HIS A 417 -17.66 6.04 0.62
CA HIS A 417 -18.99 5.44 0.78
C HIS A 417 -18.92 4.35 1.84
N GLU A 418 -19.87 4.37 2.78
CA GLU A 418 -20.01 3.28 3.75
C GLU A 418 -20.16 1.92 3.03
N PRO A 419 -19.42 0.87 3.48
CA PRO A 419 -19.48 -0.42 2.75
C PRO A 419 -20.87 -1.10 2.70
N PRO A 420 -21.07 -2.05 1.76
CA PRO A 420 -22.40 -2.62 1.51
C PRO A 420 -22.97 -3.49 2.64
N SER B 16 2.26 -33.15 29.87
CA SER B 16 3.27 -32.28 30.56
C SER B 16 3.33 -30.88 29.92
N VAL B 17 4.14 -30.00 30.51
CA VAL B 17 4.44 -28.67 29.93
C VAL B 17 5.88 -28.22 30.25
N VAL B 18 6.66 -27.93 29.21
CA VAL B 18 8.04 -27.44 29.36
C VAL B 18 8.04 -25.92 29.40
N ILE B 19 8.93 -25.37 30.23
CA ILE B 19 9.16 -23.92 30.39
C ILE B 19 10.67 -23.71 30.37
N VAL B 20 11.12 -22.66 29.68
CA VAL B 20 12.55 -22.36 29.55
C VAL B 20 12.89 -21.03 30.24
N GLY B 21 12.55 -19.92 29.59
CA GLY B 21 12.67 -18.59 30.16
C GLY B 21 11.29 -17.99 30.10
N LYS B 22 11.02 -17.26 29.02
CA LYS B 22 9.68 -16.77 28.72
C LYS B 22 8.91 -17.74 27.80
N ILE B 23 9.62 -18.69 27.19
CA ILE B 23 9.03 -19.64 26.24
C ILE B 23 8.39 -20.79 27.03
N SER B 24 7.21 -21.23 26.58
CA SER B 24 6.53 -22.38 27.17
C SER B 24 5.73 -23.15 26.11
N PHE B 25 5.73 -24.48 26.20
CA PHE B 25 5.00 -25.34 25.25
C PHE B 25 4.76 -26.75 25.78
N CYS B 26 3.66 -27.36 25.35
CA CYS B 26 3.34 -28.77 25.63
C CYS B 26 3.96 -29.65 24.53
N PRO B 27 4.92 -30.53 24.87
CA PRO B 27 5.61 -31.35 23.84
C PRO B 27 4.76 -32.34 23.02
N LYS B 28 3.52 -32.57 23.42
CA LYS B 28 2.55 -33.33 22.59
C LYS B 28 2.18 -32.58 21.31
N ASP B 29 1.94 -31.27 21.42
CA ASP B 29 1.52 -30.44 20.28
C ASP B 29 2.70 -30.21 19.33
N VAL B 30 2.89 -31.16 18.43
CA VAL B 30 3.93 -31.09 17.40
C VAL B 30 3.26 -30.60 16.11
N LEU B 31 3.78 -29.50 15.56
CA LEU B 31 3.33 -28.97 14.28
C LEU B 31 4.15 -29.46 13.09
N GLY B 32 5.43 -29.78 13.31
CA GLY B 32 6.30 -30.26 12.22
C GLY B 32 7.75 -30.56 12.61
N HIS B 33 8.58 -30.93 11.65
CA HIS B 33 9.97 -31.26 11.88
C HIS B 33 10.90 -30.60 10.91
N GLY B 34 12.20 -30.64 11.18
CA GLY B 34 13.14 -30.01 10.30
C GLY B 34 14.48 -30.69 10.19
N ALA B 35 15.55 -29.90 10.23
CA ALA B 35 16.93 -30.38 10.11
C ALA B 35 17.12 -31.66 10.89
N GLU B 36 16.32 -32.66 10.55
CA GLU B 36 16.34 -33.91 11.24
C GLU B 36 16.11 -33.65 12.73
N THR B 38 15.72 -30.46 14.44
CA THR B 38 14.73 -29.47 14.79
C THR B 38 13.30 -29.94 14.78
N ILE B 39 12.60 -29.56 15.82
CA ILE B 39 11.16 -29.84 15.99
C ILE B 39 10.40 -28.52 16.25
N VAL B 40 9.20 -28.40 15.69
CA VAL B 40 8.33 -27.21 15.88
C VAL B 40 7.11 -27.57 16.73
N TYR B 41 7.04 -27.00 17.94
CA TYR B 41 5.91 -27.19 18.84
C TYR B 41 5.00 -25.97 18.80
N ARG B 42 3.69 -26.19 18.93
CA ARG B 42 2.75 -25.12 19.29
C ARG B 42 3.00 -24.79 20.77
N GLY B 43 2.94 -23.51 21.10
CA GLY B 43 3.37 -23.05 22.42
C GLY B 43 2.95 -21.62 22.77
N MET B 44 3.74 -21.00 23.64
CA MET B 44 3.37 -19.75 24.30
C MET B 44 4.58 -18.85 24.56
N PHE B 45 4.41 -17.55 24.34
CA PHE B 45 5.40 -16.52 24.69
C PHE B 45 4.68 -15.25 25.12
N ASP B 46 5.08 -14.68 26.26
CA ASP B 46 4.57 -13.39 26.74
C ASP B 46 3.04 -13.26 26.62
N ASN B 47 2.35 -14.36 26.95
CA ASN B 47 0.89 -14.53 26.79
C ASN B 47 0.35 -14.53 25.35
N ARG B 48 1.21 -14.82 24.37
CA ARG B 48 0.81 -14.96 22.97
C ARG B 48 0.91 -16.42 22.55
N ASP B 49 0.00 -16.86 21.69
CA ASP B 49 0.11 -18.15 21.05
C ASP B 49 1.16 -18.03 19.92
N VAL B 50 2.17 -18.88 19.96
CA VAL B 50 3.28 -18.83 19.00
C VAL B 50 3.70 -20.22 18.59
N ALA B 51 4.54 -20.28 17.56
CA ALA B 51 5.21 -21.52 17.18
C ALA B 51 6.56 -21.48 17.87
N VAL B 52 7.00 -22.63 18.38
CA VAL B 52 8.26 -22.70 19.13
C VAL B 52 9.16 -23.71 18.43
N LYS B 53 10.27 -23.20 17.94
CA LYS B 53 11.21 -23.93 17.11
C LYS B 53 12.36 -24.36 18.03
N ARG B 54 12.54 -25.67 18.23
CA ARG B 54 13.63 -26.19 19.09
C ARG B 54 14.78 -26.77 18.28
N ILE B 55 15.98 -26.27 18.55
CA ILE B 55 17.16 -26.51 17.72
C ILE B 55 18.29 -27.17 18.53
N LEU B 56 19.03 -28.09 17.88
CA LEU B 56 20.08 -28.87 18.52
C LEU B 56 21.42 -28.09 18.45
N PRO B 57 22.39 -28.42 19.34
CA PRO B 57 23.70 -27.73 19.34
C PRO B 57 24.40 -27.64 17.97
N GLU B 58 24.20 -28.65 17.13
CA GLU B 58 24.73 -28.68 15.77
C GLU B 58 24.32 -27.46 14.94
N CYS B 59 23.07 -27.04 15.07
CA CYS B 59 22.47 -25.97 14.26
C CYS B 59 22.29 -24.63 15.00
N PHE B 60 23.23 -24.29 15.89
CA PHE B 60 23.19 -23.03 16.66
C PHE B 60 23.65 -21.83 15.82
N SER B 61 24.68 -22.05 15.00
CA SER B 61 25.16 -21.02 14.06
C SER B 61 24.05 -20.56 13.10
N PHE B 62 23.18 -21.48 12.70
CA PHE B 62 22.03 -21.19 11.81
C PHE B 62 20.75 -20.75 12.54
N ALA B 63 20.68 -21.02 13.85
CA ALA B 63 19.68 -20.40 14.73
C ALA B 63 19.99 -18.91 14.93
N ASP B 64 21.25 -18.59 15.17
CA ASP B 64 21.73 -17.21 15.26
C ASP B 64 21.50 -16.40 13.97
N ARG B 65 21.61 -17.08 12.82
CA ARG B 65 21.39 -16.44 11.51
C ARG B 65 19.92 -16.07 11.32
N GLU B 66 19.03 -17.05 11.46
CA GLU B 66 17.58 -16.83 11.37
C GLU B 66 17.15 -15.66 12.24
N VAL B 67 17.53 -15.74 13.51
CA VAL B 67 17.17 -14.74 14.52
C VAL B 67 17.65 -13.36 14.13
N GLN B 68 18.94 -13.24 13.79
CA GLN B 68 19.51 -11.95 13.40
C GLN B 68 18.78 -11.38 12.17
N LEU B 69 18.57 -12.21 11.16
CA LEU B 69 17.98 -11.76 9.91
C LEU B 69 16.49 -11.49 10.00
N LEU B 70 15.75 -12.22 10.84
CA LEU B 70 14.36 -11.89 11.14
C LEU B 70 14.24 -10.56 11.88
N ARG B 71 15.18 -10.30 12.79
CA ARG B 71 15.21 -9.00 13.47
C ARG B 71 15.42 -7.83 12.50
N GLU B 72 16.16 -8.06 11.42
CA GLU B 72 16.40 -7.07 10.38
C GLU B 72 15.22 -6.84 9.43
N SER B 73 14.49 -7.91 9.12
CA SER B 73 13.51 -7.91 8.01
C SER B 73 12.03 -8.24 8.35
N ASP B 74 11.71 -8.52 9.63
CA ASP B 74 10.33 -8.93 10.02
C ASP B 74 9.28 -7.81 10.17
N GLU B 75 9.70 -6.55 10.05
CA GLU B 75 8.76 -5.42 9.97
C GLU B 75 7.77 -5.54 8.79
N HIS B 76 8.20 -6.18 7.69
CA HIS B 76 7.35 -6.40 6.51
C HIS B 76 6.17 -7.35 6.82
N PRO B 77 4.97 -7.01 6.32
CA PRO B 77 3.76 -7.83 6.64
C PRO B 77 3.79 -9.28 6.15
N ASN B 78 4.44 -9.50 5.02
CA ASN B 78 4.64 -10.81 4.40
C ASN B 78 5.95 -11.53 4.74
N VAL B 79 6.65 -11.06 5.77
CA VAL B 79 7.72 -11.81 6.41
C VAL B 79 7.19 -12.18 7.79
N ILE B 80 7.44 -13.43 8.20
CA ILE B 80 6.99 -13.94 9.49
C ILE B 80 7.58 -13.14 10.65
N ARG B 81 6.78 -12.96 11.69
CA ARG B 81 7.18 -12.19 12.85
C ARG B 81 8.01 -13.04 13.82
N TYR B 82 9.10 -12.46 14.29
CA TYR B 82 9.99 -13.11 15.24
C TYR B 82 9.82 -12.43 16.61
N PHE B 83 9.70 -13.23 17.66
CA PHE B 83 9.37 -12.73 19.01
C PHE B 83 10.51 -12.83 20.03
N CYS B 84 11.12 -14.00 20.16
CA CYS B 84 12.16 -14.22 21.17
C CYS B 84 12.97 -15.50 20.97
N THR B 85 14.21 -15.46 21.42
CA THR B 85 15.11 -16.63 21.49
C THR B 85 15.47 -16.92 22.95
N GLU B 86 15.43 -18.20 23.31
CA GLU B 86 15.93 -18.67 24.62
C GLU B 86 16.88 -19.84 24.43
N LYS B 87 18.13 -19.65 24.90
CA LYS B 87 19.13 -20.71 24.92
C LYS B 87 18.93 -21.58 26.17
N ASP B 88 19.34 -22.84 26.06
CA ASP B 88 19.13 -23.85 27.10
C ASP B 88 20.45 -24.62 27.31
N ARG B 89 20.45 -25.60 28.22
CA ARG B 89 21.60 -26.48 28.42
C ARG B 89 21.77 -27.44 27.24
N GLN B 90 20.71 -28.19 26.94
CA GLN B 90 20.70 -29.15 25.82
C GLN B 90 20.35 -28.50 24.48
N PHE B 91 19.36 -27.61 24.48
CA PHE B 91 18.74 -27.05 23.25
C PHE B 91 18.80 -25.52 23.12
N GLN B 92 18.19 -25.02 22.05
CA GLN B 92 17.89 -23.60 21.87
C GLN B 92 16.47 -23.47 21.33
N TYR B 93 15.82 -22.35 21.63
CA TYR B 93 14.42 -22.13 21.28
C TYR B 93 14.19 -20.78 20.59
N ILE B 94 13.45 -20.81 19.47
CA ILE B 94 13.05 -19.60 18.74
C ILE B 94 11.52 -19.57 18.72
N ALA B 95 10.94 -18.46 19.20
CA ALA B 95 9.49 -18.26 19.12
C ALA B 95 9.14 -17.31 17.96
N ILE B 96 8.38 -17.84 17.01
CA ILE B 96 7.86 -17.06 15.86
C ILE B 96 6.35 -17.11 15.86
N GLU B 97 5.74 -16.28 15.01
CA GLU B 97 4.30 -16.21 14.86
C GLU B 97 3.73 -17.57 14.44
N LEU B 98 2.62 -17.96 15.05
CA LEU B 98 1.93 -19.20 14.72
C LEU B 98 1.10 -19.00 13.46
N CYS B 99 1.18 -19.96 12.54
CA CYS B 99 0.50 -19.89 11.25
C CYS B 99 -0.42 -21.09 11.09
N ALA B 100 -1.39 -20.93 10.19
CA ALA B 100 -2.43 -21.93 9.96
C ALA B 100 -1.95 -23.13 9.15
N ALA B 101 -1.20 -22.87 8.09
CA ALA B 101 -0.80 -23.90 7.14
C ALA B 101 0.38 -23.43 6.29
N THR B 102 0.86 -24.31 5.41
CA THR B 102 1.89 -23.98 4.43
C THR B 102 1.22 -23.79 3.10
N LEU B 103 1.95 -23.20 2.14
CA LEU B 103 1.46 -23.08 0.78
C LEU B 103 1.15 -24.45 0.18
N GLN B 104 1.96 -25.45 0.53
CA GLN B 104 1.77 -26.82 0.06
C GLN B 104 0.39 -27.37 0.39
N GLU B 105 -0.08 -27.11 1.61
CA GLU B 105 -1.40 -27.53 2.05
C GLU B 105 -2.48 -26.73 1.31
N TYR B 106 -2.32 -25.41 1.23
CA TYR B 106 -3.23 -24.53 0.45
C TYR B 106 -3.49 -25.03 -0.98
N VAL B 107 -2.44 -25.44 -1.68
CA VAL B 107 -2.56 -25.89 -3.08
C VAL B 107 -3.13 -27.31 -3.20
N GLU B 108 -2.57 -28.25 -2.43
CA GLU B 108 -2.83 -29.70 -2.62
C GLU B 108 -3.93 -30.30 -1.74
N GLN B 109 -4.25 -29.66 -0.62
CA GLN B 109 -5.32 -30.14 0.26
C GLN B 109 -6.68 -29.81 -0.37
N LYS B 110 -7.50 -30.84 -0.55
CA LYS B 110 -8.75 -30.76 -1.31
C LYS B 110 -9.80 -29.90 -0.62
N ASP B 111 -10.33 -28.91 -1.36
CA ASP B 111 -11.33 -27.97 -0.84
C ASP B 111 -10.77 -27.21 0.37
N PHE B 112 -9.60 -26.61 0.20
CA PHE B 112 -8.94 -25.84 1.26
C PHE B 112 -9.71 -24.52 1.47
N ALA B 113 -9.74 -24.06 2.71
CA ALA B 113 -10.41 -22.81 3.05
C ALA B 113 -9.57 -21.60 2.61
N HIS B 114 -9.69 -21.25 1.33
CA HIS B 114 -9.01 -20.08 0.74
C HIS B 114 -9.23 -18.78 1.53
N LEU B 115 -10.43 -18.63 2.10
CA LEU B 115 -10.79 -17.51 3.01
C LEU B 115 -10.52 -16.11 2.42
N GLY B 116 -10.73 -15.97 1.11
CA GLY B 116 -10.51 -14.72 0.40
C GLY B 116 -9.11 -14.47 -0.18
N LEU B 117 -8.15 -15.35 0.13
CA LEU B 117 -6.79 -15.23 -0.42
C LEU B 117 -6.73 -15.93 -1.78
N GLU B 118 -6.79 -15.13 -2.83
CA GLU B 118 -6.70 -15.61 -4.19
C GLU B 118 -5.24 -15.95 -4.52
N PRO B 119 -5.02 -16.99 -5.37
CA PRO B 119 -3.70 -17.37 -5.87
C PRO B 119 -2.78 -16.21 -6.27
N ILE B 120 -3.28 -15.31 -7.11
CA ILE B 120 -2.48 -14.19 -7.65
C ILE B 120 -1.98 -13.27 -6.52
N THR B 121 -2.84 -13.06 -5.52
CA THR B 121 -2.53 -12.19 -4.38
C THR B 121 -1.52 -12.86 -3.44
N LEU B 122 -1.71 -14.16 -3.23
CA LEU B 122 -0.75 -14.98 -2.50
C LEU B 122 0.66 -14.80 -3.06
N LEU B 123 0.78 -14.97 -4.37
CA LEU B 123 2.07 -14.84 -5.05
C LEU B 123 2.64 -13.42 -5.03
N GLN B 124 1.75 -12.42 -5.09
N GLN B 124 1.76 -12.41 -5.07
CA GLN B 124 2.15 -11.01 -4.97
CA GLN B 124 2.19 -10.99 -4.97
C GLN B 124 2.72 -10.71 -3.58
C GLN B 124 2.71 -10.67 -3.57
N GLN B 125 2.07 -11.26 -2.55
CA GLN B 125 2.54 -11.10 -1.18
C GLN B 125 3.84 -11.84 -0.95
N THR B 126 3.93 -13.07 -1.44
CA THR B 126 5.18 -13.85 -1.36
C THR B 126 6.33 -13.04 -1.98
N THR B 127 6.12 -12.57 -3.21
CA THR B 127 7.13 -11.80 -3.96
C THR B 127 7.50 -10.46 -3.31
N SER B 128 6.52 -9.81 -2.68
CA SER B 128 6.73 -8.57 -1.95
C SER B 128 7.60 -8.78 -0.70
N GLY B 129 7.44 -9.92 -0.05
CA GLY B 129 8.33 -10.32 1.05
C GLY B 129 9.74 -10.53 0.56
N LEU B 130 9.86 -11.18 -0.59
CA LEU B 130 11.13 -11.46 -1.24
C LEU B 130 11.86 -10.19 -1.69
N ALA B 131 11.11 -9.25 -2.27
CA ALA B 131 11.67 -7.96 -2.67
C ALA B 131 12.21 -7.18 -1.48
N HIS B 132 11.54 -7.33 -0.33
CA HIS B 132 11.96 -6.72 0.93
C HIS B 132 13.29 -7.29 1.40
N LEU B 133 13.40 -8.61 1.41
CA LEU B 133 14.64 -9.31 1.75
C LEU B 133 15.80 -8.91 0.83
N HIS B 134 15.54 -8.91 -0.47
CA HIS B 134 16.55 -8.52 -1.47
C HIS B 134 17.05 -7.08 -1.32
N SER B 135 16.15 -6.15 -0.99
CA SER B 135 16.51 -4.74 -0.73
C SER B 135 17.38 -4.55 0.50
N LEU B 136 17.32 -5.50 1.43
CA LEU B 136 18.22 -5.58 2.58
C LEU B 136 19.47 -6.43 2.31
N ASN B 137 19.78 -6.70 1.03
CA ASN B 137 20.86 -7.61 0.65
C ASN B 137 20.78 -8.98 1.34
N ILE B 138 19.57 -9.52 1.48
CA ILE B 138 19.38 -10.86 2.05
C ILE B 138 18.82 -11.76 0.97
N VAL B 139 19.47 -12.90 0.75
CA VAL B 139 19.07 -13.92 -0.23
C VAL B 139 18.59 -15.11 0.57
N HIS B 140 17.39 -15.61 0.24
CA HIS B 140 16.77 -16.72 0.98
C HIS B 140 17.39 -18.11 0.74
N ARG B 141 17.59 -18.47 -0.52
CA ARG B 141 18.31 -19.68 -0.96
C ARG B 141 17.57 -21.02 -0.84
N ASP B 142 16.34 -20.96 -0.33
CA ASP B 142 15.55 -22.17 -0.04
C ASP B 142 14.03 -21.91 -0.06
N LEU B 143 13.57 -21.06 -0.98
CA LEU B 143 12.16 -20.71 -1.07
C LEU B 143 11.46 -21.89 -1.71
N LYS B 144 10.38 -22.34 -1.09
CA LYS B 144 9.59 -23.48 -1.57
C LYS B 144 8.26 -23.51 -0.84
N PRO B 145 7.25 -24.23 -1.37
CA PRO B 145 5.93 -24.16 -0.76
C PRO B 145 5.88 -24.50 0.73
N HIS B 146 6.72 -25.44 1.16
CA HIS B 146 6.76 -25.83 2.59
C HIS B 146 7.01 -24.68 3.58
N ASN B 147 7.77 -23.66 3.15
CA ASN B 147 8.08 -22.50 4.02
C ASN B 147 7.49 -21.15 3.59
N ILE B 148 6.54 -21.17 2.66
CA ILE B 148 5.65 -20.04 2.46
C ILE B 148 4.41 -20.36 3.28
N LEU B 149 4.26 -19.67 4.39
CA LEU B 149 3.23 -19.96 5.37
C LEU B 149 1.99 -19.11 5.11
N ILE B 150 0.83 -19.69 5.44
CA ILE B 150 -0.46 -19.02 5.36
C ILE B 150 -0.85 -18.69 6.79
N SER B 151 -1.16 -17.41 7.04
CA SER B 151 -1.39 -16.89 8.38
C SER B 151 -2.63 -17.46 9.04
N MET B 152 -2.70 -17.26 10.36
CA MET B 152 -3.97 -17.34 11.08
C MET B 152 -4.83 -16.17 10.58
N PRO B 153 -6.17 -16.30 10.64
CA PRO B 153 -7.02 -15.14 10.30
C PRO B 153 -6.87 -13.99 11.28
N ASN B 154 -6.85 -12.76 10.76
CA ASN B 154 -6.91 -11.56 11.59
C ASN B 154 -8.36 -11.29 12.05
N ALA B 155 -8.59 -10.18 12.75
CA ALA B 155 -9.91 -9.89 13.36
C ALA B 155 -11.05 -9.80 12.35
N HIS B 156 -10.73 -9.40 11.10
CA HIS B 156 -11.71 -9.34 10.02
C HIS B 156 -11.74 -10.60 9.15
N GLY B 157 -11.19 -11.70 9.64
CA GLY B 157 -11.15 -12.96 8.89
C GLY B 157 -10.29 -13.00 7.63
N LYS B 158 -9.39 -12.02 7.46
CA LYS B 158 -8.44 -11.99 6.34
C LYS B 158 -7.22 -12.84 6.71
N ILE B 159 -6.74 -13.63 5.75
CA ILE B 159 -5.44 -14.33 5.87
C ILE B 159 -4.43 -13.77 4.87
N LYS B 160 -3.15 -14.08 5.08
CA LYS B 160 -2.07 -13.62 4.19
C LYS B 160 -0.95 -14.66 4.08
N ALA B 161 -0.09 -14.48 3.06
CA ALA B 161 1.11 -15.31 2.87
C ALA B 161 2.32 -14.67 3.52
N MET B 162 3.22 -15.53 4.02
CA MET B 162 4.43 -15.09 4.71
C MET B 162 5.66 -15.96 4.39
N ILE B 163 6.81 -15.32 4.18
CA ILE B 163 8.09 -16.01 4.03
C ILE B 163 8.60 -16.44 5.40
N SER B 164 9.22 -17.61 5.47
CA SER B 164 9.76 -18.15 6.72
C SER B 164 11.02 -18.99 6.48
N ASP B 165 11.55 -19.57 7.57
CA ASP B 165 12.72 -20.46 7.55
C ASP B 165 13.95 -19.76 6.95
N PHE B 166 14.54 -18.90 7.77
CA PHE B 166 15.68 -18.08 7.38
C PHE B 166 17.05 -18.68 7.78
N GLY B 167 17.09 -19.97 8.13
CA GLY B 167 18.35 -20.65 8.47
C GLY B 167 19.41 -20.66 7.36
N LEU B 168 18.97 -20.92 6.14
CA LEU B 168 19.87 -20.98 4.99
C LEU B 168 20.05 -19.63 4.29
N CYS B 169 19.50 -18.55 4.87
CA CYS B 169 19.64 -17.22 4.27
C CYS B 169 21.09 -16.80 4.22
N LYS B 170 21.33 -15.71 3.50
CA LYS B 170 22.65 -15.13 3.39
C LYS B 170 22.50 -13.62 3.31
N LYS B 171 23.26 -12.91 4.13
CA LYS B 171 23.39 -11.47 4.06
C LYS B 171 24.68 -11.19 3.32
N LEU B 172 24.57 -10.47 2.20
CA LEU B 172 25.71 -10.03 1.41
C LEU B 172 26.13 -8.66 1.91
N ALA B 173 27.43 -8.42 1.98
CA ALA B 173 27.96 -7.08 2.34
C ALA B 173 27.59 -6.06 1.27
N VAL B 174 27.74 -4.78 1.59
CA VAL B 174 27.32 -3.70 0.69
C VAL B 174 28.22 -3.72 -0.53
N GLY B 175 27.59 -3.71 -1.72
CA GLY B 175 28.32 -3.91 -2.97
C GLY B 175 28.91 -5.30 -3.16
N ARG B 176 28.30 -6.31 -2.52
CA ARG B 176 28.47 -7.71 -2.87
C ARG B 176 27.12 -8.15 -3.43
N HIS B 177 27.12 -8.54 -4.71
CA HIS B 177 25.94 -9.08 -5.38
C HIS B 177 25.93 -10.61 -5.39
N SER B 178 27.11 -11.23 -5.19
CA SER B 178 27.31 -12.67 -5.44
C SER B 178 27.80 -13.38 -4.18
N PHE B 179 27.54 -14.69 -4.14
CA PHE B 179 27.97 -15.53 -3.02
C PHE B 179 28.37 -16.91 -3.52
N SER B 180 29.14 -17.60 -2.70
CA SER B 180 29.72 -18.88 -3.08
C SER B 180 28.68 -19.97 -2.86
N ARG B 181 28.55 -20.84 -3.87
CA ARG B 181 27.73 -22.05 -3.74
C ARG B 181 28.33 -23.03 -2.72
N ARG B 182 27.73 -23.10 -1.53
CA ARG B 182 28.18 -23.99 -0.44
C ARG B 182 27.41 -25.31 -0.47
N SER B 183 28.08 -26.41 -0.11
CA SER B 183 27.43 -27.73 0.01
C SER B 183 26.92 -27.95 1.44
N PRO B 186 21.08 -25.10 -1.02
CA PRO B 186 21.30 -26.44 -0.47
C PRO B 186 20.10 -26.96 0.33
N GLY B 187 20.30 -28.07 1.06
CA GLY B 187 19.30 -28.66 1.96
C GLY B 187 18.56 -29.86 1.38
N THR B 188 17.52 -29.55 0.61
CA THR B 188 16.67 -30.56 -0.07
C THR B 188 16.43 -30.15 -1.52
N GLU B 189 16.39 -31.15 -2.40
CA GLU B 189 16.27 -30.94 -3.85
C GLU B 189 14.83 -30.69 -4.30
N GLY B 190 14.70 -30.09 -5.50
CA GLY B 190 13.42 -29.84 -6.15
C GLY B 190 13.24 -28.40 -6.63
N TRP B 191 13.68 -27.45 -5.81
CA TRP B 191 13.39 -26.03 -6.03
C TRP B 191 14.64 -25.16 -6.12
N ILE B 192 15.77 -25.77 -6.45
CA ILE B 192 17.07 -25.09 -6.41
C ILE B 192 17.51 -24.71 -7.82
N ALA B 193 17.97 -23.48 -7.98
CA ALA B 193 18.42 -22.97 -9.28
C ALA B 193 19.65 -23.76 -9.75
N PRO B 194 19.82 -23.92 -11.08
CA PRO B 194 20.94 -24.75 -11.56
C PRO B 194 22.30 -24.24 -11.10
N GLU B 195 22.50 -22.94 -11.19
CA GLU B 195 23.76 -22.29 -10.83
C GLU B 195 24.18 -22.41 -9.37
N MET B 196 23.27 -22.88 -8.52
CA MET B 196 23.60 -23.13 -7.12
C MET B 196 24.09 -24.57 -6.84
N LEU B 197 23.98 -25.47 -7.81
CA LEU B 197 24.41 -26.87 -7.65
C LEU B 197 25.55 -27.28 -8.57
N SER B 198 25.45 -26.92 -9.84
CA SER B 198 26.46 -27.29 -10.85
C SER B 198 27.66 -26.32 -10.82
N GLU B 199 28.84 -26.86 -10.52
CA GLU B 199 30.11 -26.16 -10.71
C GLU B 199 30.44 -25.90 -12.18
N ASP B 200 29.75 -26.61 -13.07
CA ASP B 200 29.67 -26.33 -14.50
C ASP B 200 29.28 -24.88 -14.87
N CYS B 201 28.52 -24.20 -14.01
CA CYS B 201 28.13 -22.80 -14.25
C CYS B 201 29.28 -21.83 -13.99
N LYS B 202 29.43 -20.86 -14.90
CA LYS B 202 30.50 -19.88 -14.82
C LYS B 202 30.20 -18.85 -13.71
N GLU B 203 28.98 -18.33 -13.71
CA GLU B 203 28.53 -17.31 -12.75
C GLU B 203 28.29 -17.94 -11.38
N ASN B 204 28.85 -17.36 -10.33
CA ASN B 204 28.45 -17.68 -8.96
C ASN B 204 27.03 -17.16 -8.71
N PRO B 205 26.26 -17.84 -7.84
CA PRO B 205 24.86 -17.45 -7.61
C PRO B 205 24.65 -16.05 -7.04
N THR B 206 23.49 -15.48 -7.31
CA THR B 206 23.12 -14.15 -6.81
C THR B 206 21.67 -14.19 -6.30
N TYR B 207 21.05 -13.02 -6.14
N TYR B 207 21.03 -13.02 -6.15
CA TYR B 207 19.63 -12.91 -5.74
CA TYR B 207 19.63 -12.93 -5.73
C TYR B 207 18.68 -13.68 -6.65
C TYR B 207 18.65 -13.64 -6.66
N THR B 208 19.08 -13.86 -7.91
CA THR B 208 18.27 -14.55 -8.91
C THR B 208 18.04 -16.04 -8.66
N VAL B 209 18.78 -16.63 -7.72
CA VAL B 209 18.44 -17.97 -7.26
C VAL B 209 17.00 -18.03 -6.70
N ASP B 210 16.59 -17.00 -5.94
CA ASP B 210 15.23 -16.91 -5.36
C ASP B 210 14.13 -16.67 -6.40
N ILE B 211 14.48 -15.97 -7.45
CA ILE B 211 13.56 -15.73 -8.54
C ILE B 211 13.25 -17.06 -9.20
N PHE B 212 14.27 -17.87 -9.44
CA PHE B 212 14.09 -19.20 -10.05
C PHE B 212 13.10 -20.02 -9.25
N SER B 213 13.35 -20.09 -7.95
CA SER B 213 12.47 -20.78 -7.00
C SER B 213 11.07 -20.21 -7.02
N ALA B 214 10.99 -18.88 -6.95
CA ALA B 214 9.70 -18.19 -7.01
C ALA B 214 8.95 -18.59 -8.27
N GLY B 215 9.66 -18.63 -9.39
CA GLY B 215 9.08 -19.02 -10.69
C GLY B 215 8.45 -20.39 -10.71
N CYS B 216 9.11 -21.35 -10.07
CA CYS B 216 8.55 -22.70 -9.88
C CYS B 216 7.33 -22.67 -8.96
N VAL B 217 7.42 -21.87 -7.90
CA VAL B 217 6.31 -21.67 -6.98
C VAL B 217 5.11 -21.07 -7.70
N PHE B 218 5.33 -20.07 -8.55
CA PHE B 218 4.22 -19.45 -9.31
C PHE B 218 3.48 -20.54 -10.08
N TYR B 219 4.21 -21.28 -10.92
CA TYR B 219 3.63 -22.37 -11.72
C TYR B 219 2.90 -23.40 -10.88
N TYR B 220 3.50 -23.78 -9.76
CA TYR B 220 2.87 -24.66 -8.77
C TYR B 220 1.49 -24.16 -8.33
N VAL B 221 1.38 -22.88 -7.99
CA VAL B 221 0.11 -22.32 -7.49
C VAL B 221 -0.97 -22.24 -8.58
N ILE B 222 -0.62 -21.68 -9.74
CA ILE B 222 -1.60 -21.49 -10.83
C ILE B 222 -1.89 -22.77 -11.65
N SER B 223 -1.02 -23.77 -11.59
CA SER B 223 -1.28 -25.12 -12.14
C SER B 223 -1.92 -26.07 -11.12
N GLU B 224 -1.95 -25.64 -9.86
CA GLU B 224 -2.65 -26.32 -8.77
C GLU B 224 -2.00 -27.66 -8.40
N GLY B 225 -0.67 -27.66 -8.30
CA GLY B 225 0.11 -28.85 -7.86
C GLY B 225 1.32 -29.22 -8.70
N SER B 226 1.36 -28.76 -9.96
CA SER B 226 2.43 -29.15 -10.90
C SER B 226 3.64 -28.23 -10.92
N HIS B 227 4.76 -28.80 -11.31
CA HIS B 227 6.07 -28.21 -11.18
C HIS B 227 6.66 -28.16 -12.60
N PRO B 228 7.29 -27.03 -12.99
CA PRO B 228 7.68 -26.91 -14.40
C PRO B 228 8.68 -27.98 -14.87
N PHE B 229 9.56 -28.39 -13.97
CA PHE B 229 10.54 -29.46 -14.21
C PHE B 229 10.13 -30.88 -13.77
N GLY B 230 8.82 -31.11 -13.54
CA GLY B 230 8.24 -32.46 -13.42
C GLY B 230 7.96 -32.98 -12.02
N LYS B 231 7.79 -34.31 -11.92
CA LYS B 231 7.61 -35.00 -10.63
C LYS B 231 8.89 -35.00 -9.75
N SER B 232 8.69 -35.11 -8.44
CA SER B 232 9.77 -35.06 -7.43
C SER B 232 11.08 -35.74 -7.82
N LEU B 233 10.98 -36.99 -8.28
CA LEU B 233 12.14 -37.81 -8.66
C LEU B 233 13.06 -37.13 -9.68
N GLN B 234 12.49 -36.57 -10.73
CA GLN B 234 13.25 -36.07 -11.87
C GLN B 234 13.50 -34.55 -11.81
N ARG B 235 12.87 -33.86 -10.86
CA ARG B 235 12.90 -32.38 -10.75
C ARG B 235 14.29 -31.78 -10.87
N GLN B 236 15.15 -32.11 -9.91
CA GLN B 236 16.48 -31.51 -9.85
C GLN B 236 17.38 -31.89 -11.03
N ALA B 237 17.22 -33.11 -11.55
CA ALA B 237 17.92 -33.53 -12.78
C ALA B 237 17.45 -32.76 -14.01
N ASN B 238 16.14 -32.57 -14.13
CA ASN B 238 15.55 -31.73 -15.18
C ASN B 238 15.99 -30.27 -15.11
N ILE B 239 16.15 -29.75 -13.89
CA ILE B 239 16.65 -28.38 -13.70
C ILE B 239 18.08 -28.22 -14.22
N LEU B 240 18.94 -29.20 -13.94
CA LEU B 240 20.30 -29.20 -14.49
C LEU B 240 20.32 -29.30 -16.02
N LEU B 241 19.47 -30.18 -16.57
CA LEU B 241 19.28 -30.29 -18.03
C LEU B 241 18.53 -29.13 -18.69
N GLY B 242 17.77 -28.38 -17.90
CA GLY B 242 16.98 -27.25 -18.41
C GLY B 242 15.72 -27.71 -19.13
N ALA B 243 15.16 -28.82 -18.66
CA ALA B 243 14.03 -29.48 -19.31
C ALA B 243 12.77 -29.17 -18.53
N CYS B 244 12.15 -28.04 -18.85
CA CYS B 244 10.88 -27.64 -18.24
C CYS B 244 9.70 -27.86 -19.18
N SER B 245 8.50 -27.88 -18.61
CA SER B 245 7.25 -27.96 -19.35
C SER B 245 6.17 -27.12 -18.63
N LEU B 246 5.61 -26.15 -19.35
CA LEU B 246 4.55 -25.27 -18.83
C LEU B 246 3.19 -25.60 -19.47
N ASP B 247 2.91 -26.89 -19.62
CA ASP B 247 1.76 -27.37 -20.41
C ASP B 247 0.39 -27.22 -19.75
N CYS B 248 0.34 -26.89 -18.45
CA CYS B 248 -0.94 -26.49 -17.80
C CYS B 248 -1.38 -25.04 -18.12
N LEU B 249 -0.50 -24.26 -18.76
CA LEU B 249 -0.83 -22.93 -19.25
C LEU B 249 -1.21 -23.01 -20.73
N HIS B 250 -2.49 -22.78 -21.03
CA HIS B 250 -3.02 -22.92 -22.39
C HIS B 250 -2.57 -21.71 -23.24
N PRO B 251 -2.04 -21.96 -24.46
CA PRO B 251 -1.38 -20.88 -25.19
C PRO B 251 -2.28 -19.88 -25.93
N GLU B 252 -3.60 -20.03 -25.83
CA GLU B 252 -4.55 -19.08 -26.43
C GLU B 252 -5.60 -18.66 -25.39
N LYS B 253 -5.21 -18.64 -24.12
CA LYS B 253 -5.99 -18.03 -23.05
C LYS B 253 -5.14 -16.90 -22.49
N HIS B 254 -5.69 -15.69 -22.53
CA HIS B 254 -5.05 -14.45 -22.06
C HIS B 254 -4.26 -14.60 -20.75
N GLU B 255 -4.97 -15.03 -19.71
CA GLU B 255 -4.40 -15.15 -18.35
C GLU B 255 -3.21 -16.12 -18.28
N ASP B 256 -3.28 -17.17 -19.10
CA ASP B 256 -2.21 -18.17 -19.19
C ASP B 256 -1.05 -17.71 -20.09
N VAL B 257 -1.36 -16.92 -21.11
CA VAL B 257 -0.30 -16.33 -21.97
C VAL B 257 0.53 -15.29 -21.21
N ILE B 258 -0.14 -14.50 -20.37
CA ILE B 258 0.52 -13.51 -19.53
C ILE B 258 1.40 -14.19 -18.49
N ALA B 259 0.83 -15.14 -17.75
CA ALA B 259 1.57 -15.92 -16.77
C ALA B 259 2.75 -16.73 -17.36
N ARG B 260 2.58 -17.28 -18.55
CA ARG B 260 3.67 -17.99 -19.25
C ARG B 260 4.87 -17.07 -19.59
N GLU B 261 4.58 -15.87 -20.10
CA GLU B 261 5.64 -14.88 -20.41
C GLU B 261 6.52 -14.57 -19.17
N LEU B 262 5.86 -14.47 -18.02
CA LEU B 262 6.53 -14.10 -16.77
C LEU B 262 7.35 -15.27 -16.28
N ILE B 263 6.67 -16.40 -16.09
CA ILE B 263 7.30 -17.61 -15.55
C ILE B 263 8.49 -18.10 -16.39
N GLU B 264 8.42 -17.99 -17.72
CA GLU B 264 9.54 -18.42 -18.59
C GLU B 264 10.81 -17.64 -18.27
N LYS B 265 10.64 -16.33 -18.06
CA LYS B 265 11.73 -15.45 -17.68
C LYS B 265 12.24 -15.75 -16.26
N MET B 266 11.35 -15.99 -15.31
CA MET B 266 11.75 -16.27 -13.93
C MET B 266 12.56 -17.58 -13.77
N ILE B 267 12.21 -18.62 -14.53
CA ILE B 267 12.92 -19.91 -14.47
C ILE B 267 14.03 -20.05 -15.53
N ALA B 268 14.39 -18.95 -16.21
CA ALA B 268 15.44 -18.96 -17.25
C ALA B 268 16.73 -19.60 -16.77
N MET B 269 17.39 -20.35 -17.64
CA MET B 269 18.66 -20.97 -17.31
C MET B 269 19.79 -19.95 -17.12
N ASP B 270 19.76 -18.86 -17.89
CA ASP B 270 20.68 -17.75 -17.69
C ASP B 270 20.15 -16.86 -16.56
N PRO B 271 20.80 -16.87 -15.37
CA PRO B 271 20.40 -16.01 -14.25
C PRO B 271 20.20 -14.53 -14.59
N GLN B 272 21.09 -13.97 -15.39
CA GLN B 272 21.04 -12.55 -15.79
C GLN B 272 19.73 -12.18 -16.54
N LYS B 273 19.14 -13.15 -17.24
CA LYS B 273 17.88 -12.95 -17.94
C LYS B 273 16.64 -12.92 -17.03
N ARG B 274 16.76 -13.48 -15.82
CA ARG B 274 15.65 -13.48 -14.86
C ARG B 274 15.37 -12.08 -14.31
N PRO B 275 14.09 -11.70 -14.18
CA PRO B 275 13.79 -10.36 -13.67
C PRO B 275 13.95 -10.31 -12.16
N SER B 276 14.31 -9.14 -11.64
CA SER B 276 14.32 -8.88 -10.20
C SER B 276 12.93 -8.85 -9.63
N ALA B 277 12.84 -8.91 -8.31
CA ALA B 277 11.56 -9.03 -7.63
C ALA B 277 10.68 -7.81 -7.87
N LYS B 278 11.28 -6.63 -7.82
CA LYS B 278 10.53 -5.41 -8.11
C LYS B 278 9.97 -5.43 -9.55
N HIS B 279 10.78 -5.92 -10.49
CA HIS B 279 10.38 -6.07 -11.90
C HIS B 279 9.20 -7.09 -12.02
N VAL B 280 9.34 -8.24 -11.37
CA VAL B 280 8.23 -9.22 -11.31
C VAL B 280 6.91 -8.54 -10.89
N LEU B 281 6.95 -7.79 -9.79
CA LEU B 281 5.77 -7.10 -9.26
C LEU B 281 5.13 -6.10 -10.23
N LYS B 282 5.94 -5.55 -11.13
CA LYS B 282 5.43 -4.70 -12.22
C LYS B 282 4.80 -5.46 -13.42
N HIS B 283 4.88 -6.79 -13.45
CA HIS B 283 4.40 -7.59 -14.60
C HIS B 283 2.87 -7.65 -14.67
N PRO B 284 2.30 -7.71 -15.91
CA PRO B 284 0.85 -7.73 -16.11
C PRO B 284 0.06 -8.82 -15.40
N PHE B 285 0.69 -9.96 -15.22
CA PHE B 285 0.27 -11.00 -14.28
C PHE B 285 -0.43 -10.45 -13.05
N PHE B 286 0.11 -9.37 -12.46
CA PHE B 286 -0.46 -8.77 -11.24
C PHE B 286 -1.40 -7.58 -11.46
N TRP B 287 -1.66 -7.18 -12.70
CA TRP B 287 -2.54 -6.03 -12.95
C TRP B 287 -4.01 -6.39 -12.78
N SER B 288 -4.76 -5.46 -12.20
CA SER B 288 -6.20 -5.52 -12.19
C SER B 288 -6.76 -5.38 -13.61
N LEU B 289 -8.03 -5.71 -13.74
CA LEU B 289 -8.73 -5.56 -15.01
C LEU B 289 -8.76 -4.08 -15.38
N GLU B 290 -9.05 -3.22 -14.42
CA GLU B 290 -8.99 -1.75 -14.62
C GLU B 290 -7.64 -1.28 -15.20
N LYS B 291 -6.56 -1.69 -14.56
CA LYS B 291 -5.21 -1.29 -14.98
C LYS B 291 -4.82 -1.83 -16.37
N GLN B 292 -5.25 -3.04 -16.69
CA GLN B 292 -5.05 -3.60 -18.04
C GLN B 292 -5.74 -2.71 -19.05
N LEU B 293 -6.98 -2.30 -18.74
CA LEU B 293 -7.72 -1.38 -19.60
C LEU B 293 -7.03 -0.04 -19.70
N GLN B 294 -6.57 0.49 -18.58
CA GLN B 294 -5.85 1.76 -18.57
C GLN B 294 -4.57 1.72 -19.40
N PHE B 295 -3.87 0.59 -19.34
CA PHE B 295 -2.70 0.38 -20.19
C PHE B 295 -3.09 0.44 -21.67
N PHE B 296 -4.19 -0.22 -22.05
CA PHE B 296 -4.66 -0.14 -23.44
C PHE B 296 -5.01 1.30 -23.85
N GLN B 297 -5.62 2.06 -22.94
CA GLN B 297 -5.98 3.44 -23.23
C GLN B 297 -4.74 4.31 -23.39
N ASP B 298 -3.83 4.26 -22.43
CA ASP B 298 -2.58 5.02 -22.51
C ASP B 298 -1.82 4.74 -23.78
N VAL B 299 -1.70 3.46 -24.12
CA VAL B 299 -1.02 3.04 -25.36
C VAL B 299 -1.66 3.69 -26.58
N SER B 300 -2.96 3.48 -26.75
CA SER B 300 -3.72 4.09 -27.85
C SER B 300 -3.52 5.62 -27.94
N ASP B 301 -3.59 6.31 -26.79
CA ASP B 301 -3.38 7.77 -26.72
C ASP B 301 -1.97 8.16 -27.11
N ARG B 302 -1.01 7.38 -26.66
CA ARG B 302 0.41 7.61 -26.98
C ARG B 302 0.68 7.59 -28.48
N ILE B 303 0.07 6.63 -29.18
CA ILE B 303 0.34 6.35 -30.59
C ILE B 303 -0.64 6.97 -31.61
N GLU B 304 -1.66 7.70 -31.13
CA GLU B 304 -2.73 8.26 -32.00
C GLU B 304 -2.21 9.13 -33.12
N LYS B 305 -1.24 9.97 -32.78
CA LYS B 305 -0.59 10.86 -33.74
C LYS B 305 0.89 10.47 -33.86
N GLU B 306 1.09 9.18 -34.13
CA GLU B 306 2.35 8.62 -34.55
C GLU B 306 2.19 8.29 -36.03
N SER B 307 3.27 8.40 -36.80
CA SER B 307 3.24 8.04 -38.22
C SER B 307 3.23 6.52 -38.37
N LEU B 308 2.54 6.04 -39.40
CA LEU B 308 2.39 4.60 -39.65
C LEU B 308 3.71 3.90 -40.01
N ASP B 309 4.69 4.67 -40.50
CA ASP B 309 6.06 4.18 -40.81
C ASP B 309 7.09 4.35 -39.68
N GLY B 310 6.69 4.95 -38.55
CA GLY B 310 7.59 5.15 -37.41
C GLY B 310 7.89 3.85 -36.67
N PRO B 311 9.00 3.81 -35.90
CA PRO B 311 9.44 2.54 -35.26
C PRO B 311 8.49 1.93 -34.21
N ILE B 312 7.64 2.76 -33.60
CA ILE B 312 6.71 2.33 -32.55
C ILE B 312 5.54 1.56 -33.18
N VAL B 313 4.85 2.19 -34.12
CA VAL B 313 3.75 1.53 -34.86
C VAL B 313 4.28 0.34 -35.67
N LYS B 314 5.48 0.47 -36.26
CA LYS B 314 6.13 -0.67 -36.94
C LYS B 314 6.33 -1.85 -36.01
N GLN B 315 6.77 -1.57 -34.78
CA GLN B 315 6.95 -2.62 -33.77
C GLN B 315 5.60 -3.19 -33.33
N LEU B 316 4.62 -2.31 -33.13
CA LEU B 316 3.25 -2.71 -32.75
C LEU B 316 2.58 -3.61 -33.80
N GLU B 317 2.79 -3.29 -35.08
CA GLU B 317 2.19 -4.06 -36.18
C GLU B 317 3.04 -5.24 -36.66
N ARG B 318 4.23 -5.44 -36.07
CA ARG B 318 5.09 -6.57 -36.37
C ARG B 318 4.45 -7.83 -35.78
N GLY B 319 4.06 -8.76 -36.64
CA GLY B 319 3.32 -9.97 -36.22
C GLY B 319 1.90 -9.70 -35.74
N GLY B 320 1.33 -8.61 -36.22
CA GLY B 320 0.03 -8.14 -35.76
C GLY B 320 -1.16 -8.90 -36.28
N ARG B 321 -1.05 -9.44 -37.49
CA ARG B 321 -2.14 -10.23 -38.14
C ARG B 321 -2.54 -11.46 -37.32
N ALA B 322 -1.55 -12.15 -36.75
CA ALA B 322 -1.82 -13.25 -35.81
C ALA B 322 -2.55 -12.79 -34.52
N VAL B 323 -2.13 -11.64 -33.98
CA VAL B 323 -2.73 -11.08 -32.74
C VAL B 323 -4.18 -10.65 -32.97
N VAL B 324 -4.42 -10.07 -34.15
CA VAL B 324 -5.72 -9.56 -34.57
C VAL B 324 -6.61 -10.66 -35.21
N LYS B 325 -6.06 -11.87 -35.36
CA LYS B 325 -6.72 -12.99 -36.04
C LYS B 325 -7.11 -12.61 -37.47
N MET B 326 -6.14 -12.07 -38.21
CA MET B 326 -6.29 -11.57 -39.59
C MET B 326 -7.13 -10.31 -39.72
N ASP B 327 -8.34 -10.35 -39.18
CA ASP B 327 -9.25 -9.20 -39.18
C ASP B 327 -10.04 -9.20 -37.89
N TRP B 328 -9.82 -8.18 -37.05
CA TRP B 328 -10.45 -8.13 -35.72
C TRP B 328 -11.96 -7.84 -35.82
N ARG B 329 -12.39 -7.22 -36.93
CA ARG B 329 -13.83 -6.97 -37.17
C ARG B 329 -14.65 -8.27 -37.29
N GLU B 330 -14.05 -9.31 -37.82
CA GLU B 330 -14.71 -10.62 -37.99
C GLU B 330 -14.73 -11.44 -36.70
N ASN B 331 -13.95 -11.02 -35.69
CA ASN B 331 -13.89 -11.70 -34.38
C ASN B 331 -14.49 -10.92 -33.21
N ILE B 332 -15.35 -9.94 -33.49
CA ILE B 332 -16.12 -9.23 -32.46
C ILE B 332 -17.61 -9.47 -32.67
N THR B 333 -18.41 -9.23 -31.63
CA THR B 333 -19.86 -9.46 -31.74
C THR B 333 -20.48 -8.54 -32.78
N VAL B 334 -21.64 -8.96 -33.29
CA VAL B 334 -22.29 -8.26 -34.39
C VAL B 334 -22.67 -6.81 -34.02
N PRO B 335 -23.26 -6.60 -32.82
CA PRO B 335 -23.61 -5.20 -32.44
C PRO B 335 -22.43 -4.25 -32.42
N LEU B 336 -21.25 -4.73 -32.01
CA LEU B 336 -20.04 -3.91 -32.08
C LEU B 336 -19.58 -3.69 -33.53
N GLN B 337 -19.72 -4.70 -34.38
CA GLN B 337 -19.41 -4.55 -35.82
C GLN B 337 -20.15 -3.38 -36.43
N THR B 338 -21.47 -3.35 -36.20
CA THR B 338 -22.36 -2.29 -36.70
C THR B 338 -21.94 -0.92 -36.19
N ASP B 339 -21.78 -0.81 -34.88
CA ASP B 339 -21.39 0.46 -34.24
C ASP B 339 -20.00 0.97 -34.66
N LEU B 340 -19.15 0.08 -35.20
CA LEU B 340 -17.84 0.48 -35.73
C LEU B 340 -17.81 0.76 -37.24
N ARG B 341 -18.79 0.26 -38.00
CA ARG B 341 -18.92 0.59 -39.44
C ARG B 341 -18.92 2.10 -39.71
N LYS B 342 -19.44 2.88 -38.76
CA LYS B 342 -19.41 4.34 -38.78
C LYS B 342 -18.02 4.90 -39.13
N PHE B 343 -17.00 4.39 -38.44
CA PHE B 343 -15.60 4.76 -38.70
C PHE B 343 -15.01 3.94 -39.86
N ARG B 344 -15.17 4.46 -41.09
CA ARG B 344 -14.66 3.83 -42.32
C ARG B 344 -13.15 3.56 -42.32
N THR B 345 -12.38 4.45 -41.69
CA THR B 345 -10.93 4.38 -41.73
C THR B 345 -10.26 3.25 -40.90
N TYR B 346 -11.00 2.61 -39.98
CA TYR B 346 -10.41 1.51 -39.18
C TYR B 346 -10.05 0.29 -40.02
N LYS B 347 -8.79 -0.12 -39.92
CA LYS B 347 -8.22 -1.23 -40.68
C LYS B 347 -8.32 -2.52 -39.86
N GLY B 348 -9.00 -3.51 -40.42
CA GLY B 348 -9.20 -4.80 -39.77
C GLY B 348 -7.94 -5.56 -39.42
N GLY B 349 -6.87 -5.36 -40.21
CA GLY B 349 -5.58 -6.01 -39.97
C GLY B 349 -4.64 -5.31 -39.01
N SER B 350 -5.08 -4.17 -38.46
CA SER B 350 -4.24 -3.29 -37.65
C SER B 350 -4.45 -3.48 -36.14
N VAL B 351 -3.35 -3.74 -35.43
CA VAL B 351 -3.32 -3.70 -33.95
C VAL B 351 -3.66 -2.30 -33.46
N ARG B 352 -3.13 -1.28 -34.14
CA ARG B 352 -3.31 0.09 -33.73
C ARG B 352 -4.79 0.44 -33.72
N ASP B 353 -5.48 0.11 -34.82
CA ASP B 353 -6.90 0.47 -34.97
C ASP B 353 -7.81 -0.32 -34.04
N LEU B 354 -7.43 -1.55 -33.70
CA LEU B 354 -8.15 -2.31 -32.67
C LEU B 354 -8.09 -1.52 -31.35
N LEU B 355 -6.87 -1.13 -30.97
CA LEU B 355 -6.68 -0.32 -29.76
C LEU B 355 -7.41 1.02 -29.83
N ARG B 356 -7.34 1.71 -30.98
CA ARG B 356 -8.08 2.99 -31.16
C ARG B 356 -9.59 2.77 -31.04
N ALA B 357 -10.08 1.62 -31.51
CA ALA B 357 -11.48 1.24 -31.38
C ALA B 357 -11.88 1.02 -29.92
N MET B 358 -10.99 0.42 -29.14
CA MET B 358 -11.21 0.19 -27.71
C MET B 358 -11.19 1.50 -26.93
N ARG B 359 -10.23 2.36 -27.25
CA ARG B 359 -10.09 3.69 -26.64
C ARG B 359 -11.35 4.52 -26.91
N ASN B 360 -11.80 4.49 -28.17
CA ASN B 360 -12.96 5.26 -28.60
C ASN B 360 -14.23 4.87 -27.84
N LYS B 361 -14.49 3.57 -27.74
CA LYS B 361 -15.72 3.08 -27.10
C LYS B 361 -15.70 3.11 -25.56
N LYS B 362 -14.51 3.08 -24.96
CA LYS B 362 -14.38 3.36 -23.53
C LYS B 362 -14.81 4.81 -23.25
N HIS B 363 -14.19 5.73 -23.98
CA HIS B 363 -14.44 7.16 -23.84
C HIS B 363 -15.90 7.54 -24.05
N HIS B 364 -16.45 7.09 -25.18
CA HIS B 364 -17.84 7.37 -25.54
C HIS B 364 -18.86 6.35 -25.01
N TYR B 365 -18.46 5.50 -24.06
CA TYR B 365 -19.30 4.40 -23.57
C TYR B 365 -20.75 4.79 -23.19
N ARG B 366 -20.92 5.80 -22.35
CA ARG B 366 -22.25 6.19 -21.84
C ARG B 366 -23.20 6.67 -22.97
N GLU B 367 -22.62 7.24 -24.03
CA GLU B 367 -23.33 7.69 -25.23
C GLU B 367 -23.74 6.55 -26.18
N LEU B 368 -23.07 5.40 -26.09
CA LEU B 368 -23.28 4.30 -27.03
C LEU B 368 -24.68 3.73 -26.91
N PRO B 369 -25.19 3.09 -28.00
CA PRO B 369 -26.50 2.43 -27.97
C PRO B 369 -26.60 1.32 -26.93
N ALA B 370 -27.83 1.08 -26.47
CA ALA B 370 -28.10 0.12 -25.39
C ALA B 370 -27.54 -1.30 -25.63
N GLU B 371 -27.74 -1.83 -26.83
CA GLU B 371 -27.27 -3.19 -27.14
C GLU B 371 -25.75 -3.27 -27.36
N VAL B 372 -25.12 -2.14 -27.70
CA VAL B 372 -23.64 -2.06 -27.79
C VAL B 372 -23.03 -2.04 -26.38
N ARG B 373 -23.62 -1.27 -25.47
CA ARG B 373 -23.24 -1.32 -24.06
C ARG B 373 -23.45 -2.72 -23.48
N GLU B 374 -24.57 -3.36 -23.84
CA GLU B 374 -24.93 -4.69 -23.34
C GLU B 374 -24.01 -5.82 -23.84
N THR B 375 -23.44 -5.66 -25.05
CA THR B 375 -22.55 -6.68 -25.62
C THR B 375 -21.13 -6.56 -25.05
N LEU B 376 -20.63 -5.32 -24.95
CA LEU B 376 -19.33 -5.03 -24.34
C LEU B 376 -19.26 -5.37 -22.86
N GLY B 377 -20.37 -5.16 -22.16
CA GLY B 377 -20.41 -5.25 -20.70
C GLY B 377 -19.97 -3.95 -20.08
N SER B 378 -20.12 -3.88 -18.77
CA SER B 378 -19.83 -2.68 -17.99
C SER B 378 -18.32 -2.36 -17.88
N LEU B 379 -18.02 -1.07 -17.78
CA LEU B 379 -16.66 -0.58 -17.51
C LEU B 379 -16.29 -0.74 -16.04
N PRO B 380 -15.02 -1.10 -15.74
CA PRO B 380 -13.93 -1.47 -16.66
C PRO B 380 -13.81 -2.98 -16.92
N ASP B 381 -14.33 -3.83 -16.03
CA ASP B 381 -13.98 -5.25 -15.97
C ASP B 381 -14.50 -6.07 -17.15
N ASP B 382 -15.82 -6.07 -17.32
CA ASP B 382 -16.42 -6.80 -18.44
C ASP B 382 -15.93 -6.24 -19.78
N PHE B 383 -15.78 -4.91 -19.86
CA PHE B 383 -15.30 -4.25 -21.06
C PHE B 383 -13.93 -4.78 -21.53
N VAL B 384 -12.95 -4.77 -20.64
CA VAL B 384 -11.59 -5.23 -20.97
C VAL B 384 -11.55 -6.74 -21.31
N CYS B 385 -12.38 -7.54 -20.63
CA CYS B 385 -12.41 -8.99 -20.85
C CYS B 385 -13.03 -9.38 -22.20
N TYR B 386 -13.98 -8.59 -22.67
CA TYR B 386 -14.52 -8.71 -24.01
C TYR B 386 -13.40 -8.80 -25.04
N PHE B 387 -12.48 -7.84 -25.00
CA PHE B 387 -11.37 -7.81 -25.96
C PHE B 387 -10.27 -8.82 -25.67
N THR B 388 -9.88 -8.99 -24.41
CA THR B 388 -8.80 -9.95 -24.06
C THR B 388 -9.22 -11.41 -24.27
N SER B 389 -10.49 -11.73 -23.98
CA SER B 389 -11.03 -13.07 -24.24
C SER B 389 -10.97 -13.43 -25.73
N ARG B 390 -11.35 -12.49 -26.59
CA ARG B 390 -11.37 -12.70 -28.04
C ARG B 390 -10.01 -12.55 -28.72
N PHE B 391 -9.10 -11.82 -28.08
CA PHE B 391 -7.77 -11.56 -28.61
C PHE B 391 -6.73 -11.82 -27.51
N PRO B 392 -6.47 -13.11 -27.19
CA PRO B 392 -5.65 -13.48 -26.01
C PRO B 392 -4.16 -13.08 -26.02
N HIS B 393 -3.60 -12.75 -27.18
CA HIS B 393 -2.21 -12.24 -27.27
C HIS B 393 -2.11 -10.71 -27.27
N LEU B 394 -3.24 -10.00 -27.29
CA LEU B 394 -3.25 -8.54 -27.42
C LEU B 394 -2.40 -7.83 -26.37
N LEU B 395 -2.63 -8.14 -25.08
CA LEU B 395 -1.87 -7.46 -24.01
C LEU B 395 -0.39 -7.84 -24.04
N ALA B 396 -0.12 -9.13 -24.02
CA ALA B 396 1.26 -9.63 -24.02
C ALA B 396 2.06 -9.06 -25.17
N HIS B 397 1.42 -8.96 -26.33
CA HIS B 397 2.03 -8.38 -27.52
C HIS B 397 2.30 -6.89 -27.34
N THR B 398 1.26 -6.16 -26.93
CA THR B 398 1.34 -4.71 -26.76
C THR B 398 2.37 -4.34 -25.70
N TYR B 399 2.41 -5.10 -24.61
CA TYR B 399 3.40 -4.90 -23.55
C TYR B 399 4.83 -5.02 -24.10
N ARG B 400 5.12 -6.12 -24.76
CA ARG B 400 6.42 -6.36 -25.39
C ARG B 400 6.79 -5.23 -26.36
N ALA B 401 5.86 -4.88 -27.26
CA ALA B 401 6.06 -3.82 -28.25
C ALA B 401 6.34 -2.43 -27.64
N MET B 402 5.56 -2.04 -26.64
CA MET B 402 5.67 -0.70 -26.06
C MET B 402 6.76 -0.57 -24.97
N GLU B 403 7.64 -1.58 -24.83
CA GLU B 403 8.92 -1.42 -24.11
C GLU B 403 9.76 -0.23 -24.64
N LEU B 404 9.62 0.06 -25.94
CA LEU B 404 10.20 1.27 -26.55
C LEU B 404 9.91 2.57 -25.80
N CYS B 405 8.70 2.70 -25.24
CA CYS B 405 8.31 3.86 -24.44
C CYS B 405 8.35 3.60 -22.93
N SER B 406 9.10 2.59 -22.49
CA SER B 406 9.14 2.23 -21.06
C SER B 406 9.76 3.30 -20.15
N HIS B 407 10.70 4.05 -20.72
N HIS B 407 10.69 4.08 -20.68
CA HIS B 407 11.39 5.14 -20.03
CA HIS B 407 11.35 5.14 -19.90
C HIS B 407 10.51 6.37 -19.75
C HIS B 407 10.53 6.41 -19.76
N GLU B 408 9.52 6.60 -20.62
CA GLU B 408 8.63 7.77 -20.52
C GLU B 408 7.77 7.75 -19.25
N ARG B 409 7.41 8.93 -18.77
CA ARG B 409 6.70 9.09 -17.51
C ARG B 409 5.34 8.38 -17.53
N LEU B 410 4.53 8.68 -18.54
CA LEU B 410 3.22 8.02 -18.76
C LEU B 410 3.22 6.52 -18.50
N PHE B 411 4.28 5.84 -18.96
CA PHE B 411 4.45 4.38 -18.80
C PHE B 411 5.21 3.94 -17.54
N GLN B 412 5.31 4.81 -16.54
CA GLN B 412 5.93 4.47 -15.27
C GLN B 412 5.19 3.38 -14.48
N PRO B 413 3.83 3.41 -14.44
CA PRO B 413 3.12 2.35 -13.68
C PRO B 413 3.21 0.92 -14.28
N TYR B 414 3.58 0.82 -15.55
CA TYR B 414 3.52 -0.44 -16.30
C TYR B 414 4.86 -1.17 -16.39
N TYR B 415 5.94 -0.44 -16.57
CA TYR B 415 7.29 -1.01 -16.61
C TYR B 415 8.09 -0.65 -15.36
N PHE B 416 9.23 -1.31 -15.18
CA PHE B 416 10.13 -1.06 -14.05
C PHE B 416 11.41 -0.39 -14.54
N HIS B 417 11.84 0.66 -13.81
CA HIS B 417 13.07 1.38 -14.12
C HIS B 417 14.05 1.25 -12.94
N GLU B 418 15.23 0.70 -13.21
CA GLU B 418 16.28 0.48 -12.19
C GLU B 418 16.95 1.79 -11.80
NA NA C . 3.96 -2.01 14.24
C5 N94 D . 4.31 3.04 26.44
C6 N94 D . 5.02 2.02 27.05
C7 N94 D . 6.40 2.06 27.06
C8 N94 D . 7.06 3.12 26.49
C12 N94 D . 6.92 6.53 25.52
C15 N94 D . 7.88 8.82 25.32
C16 N94 D . 8.79 9.75 24.80
C17 N94 D . 9.71 9.38 23.84
C18 N94 D . 9.76 8.06 23.38
C19 N94 D . 8.83 7.10 23.91
C21 N94 D . 9.74 5.49 22.52
N22 N94 D . 10.63 6.34 21.99
C23 N94 D . 10.68 7.62 22.37
C30 N94 D . 2.16 -1.70 25.13
C31 N94 D . 2.37 -0.34 24.45
O1 N94 D . 0.70 2.64 25.59
S2 N94 D . 2.04 2.30 25.28
O3 N94 D . 2.70 2.58 24.05
N4 N94 D . 2.92 2.97 26.47
CL9 N94 D . 8.80 3.15 26.53
C10 N94 D . 6.36 4.17 25.88
N11 N94 D . 7.12 5.20 25.33
O13 N94 D . 5.99 6.90 26.21
C14 N94 D . 7.88 7.49 24.91
N20 N94 D . 8.88 5.83 23.45
N24 N94 D . 11.62 8.44 21.79
C25 N94 D . 4.98 4.12 25.86
F26 N94 D . 4.29 5.13 25.27
N27 N94 D . 2.05 0.67 25.48
C28 N94 D . 1.69 -0.01 26.72
C29 N94 D . 1.11 -1.33 26.20
NA NA E . 5.66 -9.41 10.03
#